data_1NA1
#
_entry.id   1NA1
#
_cell.length_a   437.16
_cell.length_b   437.16
_cell.length_c   437.16
_cell.angle_alpha   90.0
_cell.angle_beta   90.0
_cell.angle_gamma   90.0
#
_symmetry.space_group_name_H-M   'P 21 3'
#
loop_
_entity.id
_entity.type
_entity.pdbx_description
1 polymer 'Coat protein VP1'
2 polymer 'Coat protein VP2'
3 polymer 'Coat protein VP3'
4 polymer 'Coat protein VP4'
5 non-polymer 3-{3,5-DIMETHYL-4-[3-(3-METHYL-ISOXAZOL-5-YL)-PROPOXY]-PHENYL}-5-TRIFLUOROMETHYL-[1,2,4]OXADIAZOLE
6 water water
#
loop_
_entity_poly.entity_id
_entity_poly.type
_entity_poly.pdbx_seq_one_letter_code
_entity_poly.pdbx_strand_id
1 'polypeptide(L)'
;GLGDELEEVIVEKTKQTVASISSGPKHTQKVPILTANETGATMPVLPSDSIETRTTYMHFNGSETDVECFLGRAACVHVT
EIQNKDATGIDNHREAKLFNDWKINLSSLVQLRKKLELFTYVRFDSEYTILATASQPDSANYSSNLVVQAMYVPPGAPNP
KEWDDYTWQSASNPSVFFKVGDTSRFSVPYVGLASAYNCFYDGYSHDDAETQYGITVLNHMGSMAFRIVNEHDEHKTLVK
IRVYHRAKHVEAWIPRAPRALPYTSIGRTNYPKNTEPVIKKRKGDIKSY
;
A
2 'polypeptide(L)'
;SPNVEACGYSDRVQQITLGNSTITTQEAANAVVCYAEWPEYLPDVDASDVNKTSKPDTSVCRFYTLDSKTWTTGSKGWCW
KLPDALKDMGVFGQNMFFHSLGRSGYTVHVQCNATKFHSGCLLVVVIPEHQLASHEGGNVSVKYTFTHPGERGIDLSSAN
EVGGPVKDVLYNMNGTLLGNLLIFPHQFINLRTNNTATIVIPYINSVPIDSMTRHNNVSLMVIPIAPLTVPTGATPSLPI
TVTIAPMCTEFSGIRSKSIVPQ
;
B
3 'polypeptide(L)'
;GLPTTTLPGSGQFLTTDDRQSPSALPNYEPTPRIHIPGKVHNLLEIIQVDTLIPMNNTHTKDEVNSYLIPLNANRQNEQV
FGTNLFIGDGVFKTTLLGEIVQYYTHWSGSLRFSLMYTGPALSSAKLILAYTPPGARGPQDRREAMLGTHVVWDIGLQST
IVMTIPWTSGVQFRYTDPDTYTSAGFLSCWYQTSLILPPETTGQVYLLSFISACPDFKLRLMKDTQTISQTVALTE
;
C
4 'polypeptide(L)' GAQVSTQKSGSHENQNILTNGSNQTFTVINYYKDAASTSSAGQSLSMDPSKFTEPVKDLMLKGAPALN D
#
loop_
_chem_comp.id
_chem_comp.type
_chem_comp.name
_chem_comp.formula
W11 non-polymer 3-{3,5-DIMETHYL-4-[3-(3-METHYL-ISOXAZOL-5-YL)-PROPOXY]-PHENYL}-5-TRIFLUOROMETHYL-[1,2,4]OXADIAZOLE 'C18 H18 F3 N3 O3'
#
# COMPACT_ATOMS: atom_id res chain seq x y z
N THR A 17 1.95 21.84 21.85
CA THR A 17 2.78 21.27 20.72
C THR A 17 3.07 22.30 19.64
N VAL A 18 4.34 22.50 19.30
CA VAL A 18 4.67 23.49 18.29
C VAL A 18 4.58 22.94 16.87
N ALA A 19 4.13 23.79 15.96
CA ALA A 19 4.00 23.43 14.56
C ALA A 19 5.24 23.94 13.85
N SER A 20 5.73 25.08 14.30
CA SER A 20 6.92 25.66 13.71
C SER A 20 7.59 26.51 14.76
N ILE A 21 8.90 26.36 14.88
CA ILE A 21 9.68 27.12 15.84
C ILE A 21 10.15 28.40 15.20
N SER A 22 10.68 29.31 15.99
CA SER A 22 11.18 30.55 15.42
C SER A 22 12.59 30.25 14.91
N SER A 23 12.85 30.53 13.64
CA SER A 23 14.17 30.29 13.06
C SER A 23 14.55 31.47 12.18
N GLY A 24 15.75 32.02 12.39
CA GLY A 24 16.16 33.17 11.59
C GLY A 24 17.22 32.88 10.54
N PRO A 25 17.99 33.90 10.11
CA PRO A 25 19.03 33.75 9.10
C PRO A 25 19.87 32.51 9.35
N LYS A 26 20.57 32.08 8.32
CA LYS A 26 21.36 30.87 8.43
C LYS A 26 22.55 30.97 7.51
N HIS A 27 23.68 30.40 7.92
CA HIS A 27 24.87 30.40 7.09
C HIS A 27 25.81 29.38 7.71
N THR A 28 25.50 28.11 7.49
CA THR A 28 26.29 27.03 8.08
C THR A 28 26.93 26.05 7.13
N GLN A 29 27.55 25.06 7.76
CA GLN A 29 28.22 23.98 7.10
C GLN A 29 27.19 22.86 7.19
N LYS A 30 26.20 23.07 8.04
CA LYS A 30 25.12 22.10 8.27
C LYS A 30 24.00 22.30 7.27
N VAL A 31 24.05 21.58 6.15
CA VAL A 31 23.02 21.71 5.13
C VAL A 31 21.96 20.64 5.26
N PRO A 32 20.87 20.94 5.98
CA PRO A 32 19.78 19.99 6.20
C PRO A 32 18.96 19.63 4.98
N ILE A 33 18.81 20.58 4.05
CA ILE A 33 18.01 20.35 2.85
C ILE A 33 18.72 19.59 1.75
N LEU A 34 19.91 19.09 2.04
CA LEU A 34 20.65 18.31 1.06
C LEU A 34 20.70 16.89 1.58
N THR A 35 20.03 15.99 0.88
CA THR A 35 20.01 14.59 1.28
C THR A 35 20.27 13.68 0.07
N ALA A 36 20.06 12.37 0.24
CA ALA A 36 20.26 11.41 -0.83
C ALA A 36 19.16 10.37 -0.78
N ASN A 37 18.06 10.65 -1.46
CA ASN A 37 16.93 9.73 -1.45
C ASN A 37 17.22 8.31 -1.87
N GLU A 38 18.42 8.02 -2.36
CA GLU A 38 18.66 6.66 -2.76
C GLU A 38 18.92 5.79 -1.55
N THR A 39 18.99 6.41 -0.37
CA THR A 39 19.20 5.68 0.87
C THR A 39 17.91 4.96 1.21
N GLY A 40 16.82 5.52 0.73
CA GLY A 40 15.51 4.94 0.97
C GLY A 40 14.81 5.62 2.11
N ALA A 41 15.39 6.69 2.62
CA ALA A 41 14.81 7.39 3.74
C ALA A 41 14.29 8.76 3.40
N THR A 42 13.20 9.13 4.06
CA THR A 42 12.57 10.43 3.86
C THR A 42 12.95 11.34 5.02
N MET A 43 14.11 11.99 4.92
CA MET A 43 14.58 12.88 5.97
C MET A 43 13.50 13.89 6.36
N PRO A 44 13.26 14.06 7.66
CA PRO A 44 12.25 14.97 8.22
C PRO A 44 12.61 16.45 8.14
N VAL A 45 12.65 16.98 6.92
CA VAL A 45 12.99 18.37 6.74
C VAL A 45 11.79 19.24 7.04
N LEU A 46 12.02 20.36 7.72
CA LEU A 46 10.94 21.26 8.11
C LEU A 46 11.10 22.63 7.46
N PRO A 47 10.00 23.40 7.37
CA PRO A 47 10.06 24.73 6.77
C PRO A 47 11.18 25.55 7.39
N SER A 48 11.27 25.46 8.71
CA SER A 48 12.28 26.17 9.47
C SER A 48 13.71 25.75 9.11
N ASP A 49 13.85 24.86 8.14
CA ASP A 49 15.18 24.41 7.72
C ASP A 49 15.58 25.11 6.44
N SER A 50 14.60 25.68 5.74
CA SER A 50 14.87 26.36 4.49
C SER A 50 14.35 27.78 4.43
N ILE A 51 13.66 28.25 5.46
CA ILE A 51 13.17 29.63 5.46
C ILE A 51 13.06 30.16 6.87
N GLU A 52 13.03 31.48 7.03
CA GLU A 52 12.90 32.06 8.35
C GLU A 52 11.44 31.95 8.76
N THR A 53 11.21 31.32 9.91
CA THR A 53 9.85 31.11 10.41
C THR A 53 9.58 31.76 11.76
N ARG A 54 8.29 31.85 12.08
CA ARG A 54 7.83 32.42 13.34
C ARG A 54 7.30 31.23 14.13
N THR A 55 6.98 31.44 15.40
CA THR A 55 6.47 30.34 16.20
C THR A 55 5.00 30.14 15.94
N THR A 56 4.56 28.89 15.83
CA THR A 56 3.14 28.60 15.62
C THR A 56 2.86 27.27 16.27
N TYR A 57 1.64 27.10 16.76
CA TYR A 57 1.27 25.87 17.43
C TYR A 57 0.35 25.00 16.59
N MET A 58 0.28 23.72 16.92
CA MET A 58 -0.54 22.77 16.20
C MET A 58 -2.04 22.93 16.41
N HIS A 59 -2.48 22.86 17.66
CA HIS A 59 -3.91 22.97 17.95
C HIS A 59 -4.57 21.80 17.21
N PHE A 60 -3.80 20.75 16.96
CA PHE A 60 -4.30 19.59 16.23
C PHE A 60 -3.67 18.31 16.78
N ASN A 61 -4.45 17.25 16.88
CA ASN A 61 -3.94 15.98 17.41
C ASN A 61 -3.87 14.89 16.36
N GLY A 62 -4.73 14.99 15.36
CA GLY A 62 -4.77 14.00 14.29
C GLY A 62 -5.65 12.84 14.65
N SER A 63 -6.71 13.08 15.41
CA SER A 63 -7.61 12.03 15.82
C SER A 63 -8.38 11.42 14.66
N GLU A 64 -8.78 12.26 13.70
CA GLU A 64 -9.57 11.76 12.58
C GLU A 64 -8.78 10.92 11.60
N THR A 65 -7.44 10.94 11.69
CA THR A 65 -6.64 10.13 10.78
C THR A 65 -6.06 8.89 11.45
N ASP A 66 -6.59 8.51 12.60
CA ASP A 66 -6.12 7.33 13.31
C ASP A 66 -6.79 6.15 12.64
N VAL A 67 -6.06 5.07 12.39
CA VAL A 67 -6.66 3.92 11.72
C VAL A 67 -7.96 3.48 12.38
N GLU A 68 -8.10 3.72 13.68
CA GLU A 68 -9.31 3.33 14.40
C GLU A 68 -10.49 4.14 13.90
N CYS A 69 -10.22 5.28 13.31
CA CYS A 69 -11.28 6.15 12.82
C CYS A 69 -11.46 5.94 11.33
N PHE A 70 -10.35 5.71 10.64
CA PHE A 70 -10.37 5.51 9.20
C PHE A 70 -11.23 4.34 8.79
N LEU A 71 -11.20 3.25 9.56
CA LEU A 71 -12.00 2.08 9.23
C LEU A 71 -13.12 1.96 10.23
N GLY A 72 -13.28 3.01 11.06
CA GLY A 72 -14.29 2.98 12.11
C GLY A 72 -15.72 3.38 11.82
N ARG A 73 -16.12 3.38 10.55
CA ARG A 73 -17.49 3.75 10.23
C ARG A 73 -18.12 2.69 9.33
N ALA A 74 -19.45 2.64 9.35
CA ALA A 74 -20.17 1.66 8.56
C ALA A 74 -20.08 1.95 7.07
N ALA A 75 -19.81 0.90 6.31
CA ALA A 75 -19.71 1.00 4.87
C ALA A 75 -20.48 -0.19 4.31
N CYS A 76 -21.21 0.00 3.22
CA CYS A 76 -21.95 -1.10 2.65
C CYS A 76 -20.98 -2.09 2.04
N VAL A 77 -21.16 -3.37 2.34
CA VAL A 77 -20.25 -4.37 1.81
C VAL A 77 -20.92 -5.42 0.96
N HIS A 78 -22.25 -5.39 0.90
CA HIS A 78 -22.96 -6.36 0.08
C HIS A 78 -24.43 -6.05 -0.05
N VAL A 79 -24.95 -6.31 -1.25
CA VAL A 79 -26.36 -6.11 -1.55
C VAL A 79 -26.82 -7.40 -2.17
N THR A 80 -27.95 -7.90 -1.72
CA THR A 80 -28.49 -9.13 -2.26
C THR A 80 -30.01 -9.01 -2.30
N GLU A 81 -30.69 -10.06 -2.74
CA GLU A 81 -32.13 -10.00 -2.87
C GLU A 81 -32.83 -11.31 -2.58
N ILE A 82 -33.98 -11.24 -1.93
CA ILE A 82 -34.79 -12.42 -1.64
C ILE A 82 -36.23 -11.99 -1.88
N GLN A 83 -37.13 -12.96 -2.04
CA GLN A 83 -38.52 -12.60 -2.26
C GLN A 83 -39.52 -13.54 -1.61
N ASN A 84 -40.66 -12.95 -1.24
CA ASN A 84 -41.74 -13.67 -0.63
C ASN A 84 -42.78 -13.98 -1.68
N LYS A 85 -42.86 -15.25 -2.07
CA LYS A 85 -43.83 -15.66 -3.09
C LYS A 85 -44.18 -17.13 -2.94
N ASP A 86 -45.21 -17.56 -3.68
CA ASP A 86 -45.67 -18.94 -3.64
C ASP A 86 -44.53 -19.87 -4.09
N ALA A 87 -44.13 -20.77 -3.20
CA ALA A 87 -43.04 -21.71 -3.46
C ALA A 87 -43.54 -22.98 -4.15
N THR A 88 -44.87 -23.11 -4.23
CA THR A 88 -45.50 -24.27 -4.86
C THR A 88 -45.00 -24.40 -6.31
N GLY A 89 -44.46 -25.59 -6.64
CA GLY A 89 -43.95 -25.84 -7.97
C GLY A 89 -42.52 -25.40 -8.26
N ILE A 90 -41.86 -24.73 -7.30
CA ILE A 90 -40.47 -24.29 -7.52
C ILE A 90 -39.53 -25.45 -7.17
N ASP A 91 -38.66 -25.82 -8.13
CA ASP A 91 -37.75 -26.93 -7.90
C ASP A 91 -36.42 -26.56 -7.24
N ASN A 92 -35.96 -25.33 -7.50
CA ASN A 92 -34.73 -24.84 -6.90
C ASN A 92 -35.03 -23.53 -6.15
N HIS A 93 -35.34 -23.67 -4.86
CA HIS A 93 -35.67 -22.50 -4.02
C HIS A 93 -34.62 -21.40 -4.08
N ARG A 94 -33.36 -21.83 -4.09
CA ARG A 94 -32.22 -20.92 -4.14
C ARG A 94 -32.23 -20.01 -5.38
N GLU A 95 -32.43 -20.64 -6.54
CA GLU A 95 -32.47 -19.94 -7.83
C GLU A 95 -33.65 -18.97 -7.90
N ALA A 96 -34.77 -19.40 -7.31
CA ALA A 96 -36.00 -18.61 -7.28
C ALA A 96 -35.89 -17.46 -6.28
N LYS A 97 -34.85 -17.53 -5.43
CA LYS A 97 -34.60 -16.51 -4.42
C LYS A 97 -35.65 -16.57 -3.30
N LEU A 98 -36.13 -17.76 -3.01
CA LEU A 98 -37.10 -17.90 -1.93
C LEU A 98 -36.29 -17.59 -0.68
N PHE A 99 -34.99 -17.83 -0.82
CA PHE A 99 -34.00 -17.54 0.19
C PHE A 99 -32.74 -17.41 -0.65
N ASN A 100 -31.80 -16.59 -0.22
CA ASN A 100 -30.57 -16.42 -0.98
C ASN A 100 -29.42 -16.38 0.03
N ASP A 101 -28.19 -16.52 -0.44
CA ASP A 101 -27.06 -16.49 0.48
C ASP A 101 -25.93 -15.60 -0.02
N TRP A 102 -25.05 -15.19 0.89
CA TRP A 102 -23.92 -14.32 0.56
C TRP A 102 -22.63 -14.97 1.03
N LYS A 103 -21.75 -15.29 0.09
CA LYS A 103 -20.47 -15.92 0.43
C LYS A 103 -19.60 -14.78 0.96
N ILE A 104 -19.70 -14.57 2.26
CA ILE A 104 -19.01 -13.51 2.99
C ILE A 104 -17.61 -13.13 2.54
N ASN A 105 -17.40 -11.83 2.38
CA ASN A 105 -16.11 -11.28 1.95
C ASN A 105 -16.28 -9.76 2.00
N LEU A 106 -15.18 -9.03 2.13
CA LEU A 106 -15.28 -7.58 2.18
C LEU A 106 -14.79 -6.87 0.92
N SER A 107 -14.45 -7.65 -0.10
CA SER A 107 -13.95 -7.10 -1.36
C SER A 107 -14.92 -7.11 -2.55
N SER A 108 -16.23 -7.08 -2.30
CA SER A 108 -17.20 -7.07 -3.39
C SER A 108 -17.51 -5.64 -3.82
N LEU A 109 -17.69 -4.76 -2.84
CA LEU A 109 -17.96 -3.36 -3.09
C LEU A 109 -16.64 -2.63 -2.83
N VAL A 110 -16.15 -1.95 -3.86
CA VAL A 110 -14.86 -1.28 -3.81
C VAL A 110 -14.55 -0.17 -2.83
N GLN A 111 -15.50 0.68 -2.48
CA GLN A 111 -15.16 1.76 -1.56
C GLN A 111 -14.42 1.30 -0.31
N LEU A 112 -15.02 0.44 0.50
CA LEU A 112 -14.34 -0.01 1.71
C LEU A 112 -13.09 -0.77 1.33
N ARG A 113 -13.18 -1.59 0.28
CA ARG A 113 -12.06 -2.37 -0.17
C ARG A 113 -10.78 -1.58 -0.37
N LYS A 114 -10.86 -0.44 -1.04
CA LYS A 114 -9.65 0.34 -1.26
C LYS A 114 -9.04 0.75 0.07
N LYS A 115 -9.88 1.16 1.00
CA LYS A 115 -9.40 1.57 2.31
C LYS A 115 -8.65 0.44 3.00
N LEU A 116 -9.35 -0.67 3.20
CA LEU A 116 -8.71 -1.82 3.85
C LEU A 116 -7.41 -2.14 3.15
N GLU A 117 -7.43 -2.13 1.82
CA GLU A 117 -6.24 -2.47 1.06
C GLU A 117 -5.17 -1.38 1.02
N LEU A 118 -5.16 -0.55 2.05
CA LEU A 118 -4.18 0.51 2.15
C LEU A 118 -3.07 -0.10 2.98
N PHE A 119 -3.41 -1.21 3.64
CA PHE A 119 -2.49 -1.97 4.50
C PHE A 119 -2.43 -3.43 4.04
N THR A 120 -1.43 -4.15 4.51
CA THR A 120 -1.26 -5.55 4.13
C THR A 120 -2.01 -6.48 5.07
N TYR A 121 -1.80 -6.29 6.37
CA TYR A 121 -2.47 -7.09 7.37
C TYR A 121 -3.37 -6.17 8.15
N VAL A 122 -4.48 -6.71 8.64
CA VAL A 122 -5.39 -5.86 9.35
C VAL A 122 -6.13 -6.71 10.35
N ARG A 123 -6.30 -6.19 11.56
CA ARG A 123 -7.00 -6.93 12.60
C ARG A 123 -7.97 -6.02 13.33
N PHE A 124 -9.17 -6.51 13.55
CA PHE A 124 -10.18 -5.73 14.23
C PHE A 124 -11.44 -6.52 14.49
N ASP A 125 -12.34 -5.92 15.26
CA ASP A 125 -13.61 -6.53 15.57
C ASP A 125 -14.56 -5.85 14.61
N SER A 126 -15.68 -6.49 14.29
CA SER A 126 -16.61 -5.90 13.34
C SER A 126 -18.00 -5.74 13.88
N GLU A 127 -18.66 -4.66 13.47
CA GLU A 127 -20.04 -4.38 13.88
C GLU A 127 -20.84 -4.36 12.59
N TYR A 128 -21.76 -5.32 12.44
CA TYR A 128 -22.58 -5.37 11.24
C TYR A 128 -23.94 -4.74 11.41
N THR A 129 -24.48 -4.23 10.31
CA THR A 129 -25.80 -3.62 10.29
C THR A 129 -26.46 -4.09 9.02
N ILE A 130 -27.58 -4.78 9.16
CA ILE A 130 -28.29 -5.29 7.99
C ILE A 130 -29.60 -4.55 7.77
N LEU A 131 -29.72 -3.92 6.61
CA LEU A 131 -30.91 -3.18 6.27
C LEU A 131 -31.70 -3.90 5.20
N ALA A 132 -32.98 -4.10 5.46
CA ALA A 132 -33.83 -4.78 4.51
C ALA A 132 -34.95 -3.84 4.10
N THR A 133 -35.13 -3.66 2.79
CA THR A 133 -36.20 -2.80 2.31
C THR A 133 -37.14 -3.60 1.41
N ALA A 134 -38.42 -3.27 1.49
CA ALA A 134 -39.41 -3.98 0.70
C ALA A 134 -39.82 -3.28 -0.59
N SER A 135 -40.34 -4.05 -1.53
CA SER A 135 -40.77 -3.55 -2.81
C SER A 135 -41.87 -4.44 -3.41
N GLN A 136 -42.91 -3.82 -3.94
CA GLN A 136 -44.01 -4.55 -4.60
C GLN A 136 -44.12 -3.96 -6.01
N PRO A 137 -43.30 -4.48 -6.95
CA PRO A 137 -43.27 -4.03 -8.36
C PRO A 137 -44.59 -4.10 -9.13
N ASP A 138 -45.44 -5.06 -8.77
CA ASP A 138 -46.74 -5.21 -9.43
C ASP A 138 -47.90 -5.48 -8.45
N SER A 139 -49.04 -4.85 -8.73
CA SER A 139 -50.28 -4.94 -7.97
C SER A 139 -50.30 -5.69 -6.61
N ALA A 140 -50.59 -4.93 -5.54
CA ALA A 140 -50.67 -5.44 -4.17
C ALA A 140 -51.66 -4.51 -3.43
N ASN A 141 -52.55 -5.06 -2.60
CA ASN A 141 -53.57 -4.25 -1.88
C ASN A 141 -53.09 -3.57 -0.58
N TYR A 142 -51.87 -3.99 -0.21
CA TYR A 142 -51.16 -3.56 0.99
C TYR A 142 -49.68 -3.96 0.96
N SER A 143 -48.93 -3.48 1.95
CA SER A 143 -47.52 -3.82 2.12
C SER A 143 -47.50 -4.69 3.38
N SER A 144 -47.03 -5.92 3.24
CA SER A 144 -47.00 -6.87 4.36
C SER A 144 -45.85 -6.68 5.37
N ASN A 145 -46.06 -7.11 6.63
CA ASN A 145 -45.01 -7.01 7.66
C ASN A 145 -44.26 -8.31 7.63
N LEU A 146 -43.18 -8.33 6.89
CA LEU A 146 -42.37 -9.51 6.75
C LEU A 146 -41.25 -9.44 7.76
N VAL A 147 -40.83 -10.61 8.22
CA VAL A 147 -39.73 -10.72 9.17
C VAL A 147 -38.63 -11.47 8.44
N VAL A 148 -37.42 -10.92 8.51
CA VAL A 148 -36.29 -11.54 7.85
C VAL A 148 -35.49 -12.36 8.83
N GLN A 149 -34.88 -13.43 8.34
CA GLN A 149 -34.03 -14.23 9.18
C GLN A 149 -32.69 -14.25 8.50
N ALA A 150 -31.66 -13.78 9.18
CA ALA A 150 -30.31 -13.78 8.64
C ALA A 150 -29.59 -14.77 9.52
N MET A 151 -29.07 -15.82 8.90
CA MET A 151 -28.38 -16.86 9.66
C MET A 151 -26.96 -17.04 9.16
N TYR A 152 -26.01 -17.01 10.09
CA TYR A 152 -24.62 -17.20 9.74
C TYR A 152 -24.34 -18.69 9.56
N VAL A 153 -23.89 -19.07 8.38
CA VAL A 153 -23.60 -20.47 8.11
C VAL A 153 -22.11 -20.67 7.89
N PRO A 154 -21.37 -20.95 8.98
CA PRO A 154 -19.93 -21.17 8.99
C PRO A 154 -19.51 -22.33 8.09
N PRO A 155 -18.24 -22.37 7.70
CA PRO A 155 -17.83 -23.48 6.84
C PRO A 155 -18.02 -24.80 7.57
N GLY A 156 -18.74 -25.72 6.97
CA GLY A 156 -18.96 -26.99 7.62
C GLY A 156 -20.38 -27.17 8.08
N ALA A 157 -21.10 -26.07 8.23
CA ALA A 157 -22.49 -26.12 8.65
C ALA A 157 -23.31 -26.47 7.41
N PRO A 158 -24.41 -27.20 7.59
CA PRO A 158 -25.25 -27.55 6.44
C PRO A 158 -25.92 -26.34 5.83
N ASN A 159 -25.74 -26.15 4.52
CA ASN A 159 -26.36 -25.02 3.84
C ASN A 159 -27.83 -25.26 3.63
N PRO A 160 -28.62 -24.17 3.65
CA PRO A 160 -30.06 -24.34 3.45
C PRO A 160 -30.28 -24.72 1.97
N LYS A 161 -31.27 -25.57 1.73
CA LYS A 161 -31.60 -25.99 0.38
C LYS A 161 -32.97 -25.46 0.00
N GLU A 162 -33.89 -25.48 0.97
CA GLU A 162 -35.24 -24.98 0.75
C GLU A 162 -35.50 -23.86 1.75
N TRP A 163 -36.33 -22.89 1.38
CA TRP A 163 -36.59 -21.76 2.27
C TRP A 163 -37.09 -22.18 3.66
N ASP A 164 -37.57 -23.40 3.83
CA ASP A 164 -38.02 -23.80 5.16
C ASP A 164 -37.41 -25.12 5.62
N ASP A 165 -36.09 -25.23 5.40
CA ASP A 165 -35.30 -26.38 5.78
C ASP A 165 -35.32 -26.60 7.27
N TYR A 166 -34.57 -27.61 7.71
CA TYR A 166 -34.45 -27.88 9.12
C TYR A 166 -33.33 -26.95 9.52
N THR A 167 -32.46 -26.65 8.56
CA THR A 167 -31.32 -25.78 8.82
C THR A 167 -31.69 -24.43 9.42
N TRP A 168 -32.90 -23.96 9.16
CA TRP A 168 -33.27 -22.65 9.71
C TRP A 168 -33.62 -22.71 11.19
N GLN A 169 -33.56 -23.90 11.76
CA GLN A 169 -33.81 -24.09 13.19
C GLN A 169 -32.70 -23.33 13.88
N SER A 170 -31.54 -23.30 13.22
CA SER A 170 -30.38 -22.59 13.71
C SER A 170 -30.11 -22.85 15.19
N ALA A 171 -30.05 -24.12 15.56
CA ALA A 171 -29.81 -24.49 16.95
C ALA A 171 -28.46 -24.02 17.45
N SER A 172 -27.47 -24.00 16.56
CA SER A 172 -26.14 -23.57 16.95
C SER A 172 -25.64 -22.40 16.11
N ASN A 173 -26.08 -22.30 14.86
CA ASN A 173 -25.65 -21.18 14.06
C ASN A 173 -26.30 -19.97 14.67
N PRO A 174 -25.61 -18.84 14.68
CA PRO A 174 -26.28 -17.68 15.26
C PRO A 174 -27.13 -17.07 14.16
N SER A 175 -28.20 -16.37 14.53
CA SER A 175 -29.04 -15.69 13.54
C SER A 175 -30.00 -14.67 14.11
N VAL A 176 -30.38 -13.69 13.31
CA VAL A 176 -31.30 -12.64 13.76
C VAL A 176 -32.59 -12.60 12.99
N PHE A 177 -33.65 -12.22 13.69
CA PHE A 177 -34.95 -12.10 13.05
C PHE A 177 -35.37 -10.65 13.22
N PHE A 178 -35.54 -9.93 12.12
CA PHE A 178 -35.96 -8.54 12.21
C PHE A 178 -36.96 -8.18 11.15
N LYS A 179 -37.75 -7.14 11.39
CA LYS A 179 -38.76 -6.70 10.45
C LYS A 179 -38.15 -6.03 9.23
N VAL A 180 -38.79 -6.20 8.08
CA VAL A 180 -38.30 -5.57 6.87
C VAL A 180 -38.62 -4.09 7.05
N GLY A 181 -37.71 -3.24 6.62
CA GLY A 181 -37.89 -1.81 6.78
C GLY A 181 -37.13 -1.37 8.03
N ASP A 182 -36.83 -2.35 8.86
CA ASP A 182 -36.09 -2.13 10.09
C ASP A 182 -34.65 -2.54 9.83
N THR A 183 -33.84 -2.41 10.86
CA THR A 183 -32.43 -2.72 10.74
C THR A 183 -31.98 -3.71 11.80
N SER A 184 -30.97 -4.49 11.45
CA SER A 184 -30.42 -5.51 12.33
C SER A 184 -29.00 -5.12 12.74
N ARG A 185 -28.70 -5.17 14.03
CA ARG A 185 -27.36 -4.81 14.51
C ARG A 185 -26.77 -5.79 15.49
N PHE A 186 -25.50 -6.10 15.28
CA PHE A 186 -24.77 -7.01 16.13
C PHE A 186 -23.30 -6.89 15.81
N SER A 187 -22.43 -7.31 16.71
CA SER A 187 -21.00 -7.25 16.44
C SER A 187 -20.34 -8.61 16.54
N VAL A 188 -19.25 -8.77 15.80
CA VAL A 188 -18.51 -10.01 15.75
C VAL A 188 -17.05 -9.81 16.11
N PRO A 189 -16.51 -10.71 16.95
CA PRO A 189 -15.11 -10.57 17.33
C PRO A 189 -14.22 -10.93 16.15
N TYR A 190 -12.96 -10.56 16.23
CA TYR A 190 -12.02 -10.88 15.16
C TYR A 190 -12.00 -12.39 15.01
N VAL A 191 -12.55 -12.90 13.91
CA VAL A 191 -12.60 -14.34 13.68
C VAL A 191 -11.52 -14.90 12.79
N GLY A 192 -10.45 -14.16 12.58
CA GLY A 192 -9.39 -14.66 11.71
C GLY A 192 -8.73 -15.90 12.27
N LEU A 193 -8.26 -16.78 11.39
CA LEU A 193 -7.59 -17.97 11.88
C LEU A 193 -6.16 -17.62 12.28
N ALA A 194 -5.63 -16.57 11.66
CA ALA A 194 -4.27 -16.11 11.96
C ALA A 194 -4.35 -14.98 12.98
N SER A 195 -3.25 -14.27 13.18
CA SER A 195 -3.26 -13.19 14.15
C SER A 195 -3.83 -11.92 13.55
N ALA A 196 -4.07 -11.94 12.24
CA ALA A 196 -4.64 -10.79 11.55
C ALA A 196 -5.25 -11.24 10.24
N TYR A 197 -6.05 -10.37 9.63
CA TYR A 197 -6.67 -10.69 8.36
C TYR A 197 -5.66 -10.33 7.29
N ASN A 198 -5.60 -11.14 6.22
CA ASN A 198 -4.69 -10.83 5.11
C ASN A 198 -5.49 -10.11 4.06
N CYS A 199 -4.98 -8.98 3.59
CA CYS A 199 -5.66 -8.23 2.54
C CYS A 199 -5.06 -8.74 1.24
N PHE A 200 -3.89 -9.34 1.38
CA PHE A 200 -3.16 -9.88 0.26
C PHE A 200 -2.49 -11.16 0.71
N TYR A 201 -2.27 -12.08 -0.22
CA TYR A 201 -1.65 -13.35 0.09
C TYR A 201 -1.00 -13.90 -1.16
N ASP A 202 0.32 -13.84 -1.21
CA ASP A 202 1.08 -14.30 -2.36
C ASP A 202 1.31 -15.80 -2.22
N GLY A 203 0.23 -16.57 -2.21
CA GLY A 203 0.37 -18.01 -2.06
C GLY A 203 -0.82 -18.83 -2.51
N TYR A 204 -0.76 -20.14 -2.25
CA TYR A 204 -1.81 -21.07 -2.63
C TYR A 204 -2.21 -21.96 -1.47
N SER A 205 -3.30 -22.71 -1.66
CA SER A 205 -3.80 -23.60 -0.62
C SER A 205 -2.94 -24.85 -0.49
N HIS A 206 -2.13 -25.10 -1.50
CA HIS A 206 -1.22 -26.24 -1.50
C HIS A 206 -0.38 -26.22 -2.77
N ASP A 207 0.71 -26.98 -2.79
CA ASP A 207 1.58 -27.03 -3.96
C ASP A 207 0.97 -27.87 -5.08
N ASP A 208 0.06 -27.24 -5.83
CA ASP A 208 -0.65 -27.87 -6.94
C ASP A 208 -0.62 -26.96 -8.17
N ALA A 209 -0.40 -27.57 -9.34
CA ALA A 209 -0.30 -26.81 -10.60
C ALA A 209 -1.54 -26.06 -11.10
N GLU A 210 -2.72 -26.33 -10.55
CA GLU A 210 -3.93 -25.68 -11.04
C GLU A 210 -4.79 -24.92 -10.00
N THR A 211 -4.52 -25.13 -8.72
CA THR A 211 -5.31 -24.48 -7.68
C THR A 211 -5.27 -22.95 -7.73
N GLN A 212 -6.30 -22.34 -7.14
CA GLN A 212 -6.46 -20.88 -7.08
C GLN A 212 -5.33 -20.12 -6.39
N TYR A 213 -5.16 -18.86 -6.76
CA TYR A 213 -4.12 -18.01 -6.19
C TYR A 213 -4.71 -16.79 -5.54
N GLY A 214 -4.13 -16.37 -4.41
CA GLY A 214 -4.63 -15.18 -3.75
C GLY A 214 -5.41 -15.40 -2.47
N ILE A 215 -5.87 -14.31 -1.85
CA ILE A 215 -6.61 -14.41 -0.60
C ILE A 215 -7.91 -15.18 -0.80
N THR A 216 -8.13 -15.61 -2.04
CA THR A 216 -9.33 -16.34 -2.36
C THR A 216 -9.35 -17.66 -1.59
N VAL A 217 -8.18 -18.22 -1.36
CA VAL A 217 -8.08 -19.48 -0.65
C VAL A 217 -7.88 -19.26 0.85
N LEU A 218 -7.79 -18.01 1.26
CA LEU A 218 -7.58 -17.71 2.67
C LEU A 218 -8.85 -17.26 3.37
N ASN A 219 -9.51 -16.26 2.79
CA ASN A 219 -10.74 -15.76 3.38
C ASN A 219 -11.95 -16.61 2.95
N HIS A 220 -12.05 -17.75 3.64
CA HIS A 220 -13.08 -18.76 3.47
C HIS A 220 -13.83 -18.65 4.81
N MET A 221 -14.72 -17.67 4.89
CA MET A 221 -15.49 -17.37 6.10
C MET A 221 -16.92 -17.90 6.09
N GLY A 222 -17.22 -18.80 5.16
CA GLY A 222 -18.58 -19.33 5.07
C GLY A 222 -19.49 -18.27 4.48
N SER A 223 -20.79 -18.44 4.64
CA SER A 223 -21.74 -17.47 4.10
C SER A 223 -22.92 -17.31 5.03
N MET A 224 -23.70 -16.25 4.82
CA MET A 224 -24.88 -16.09 5.65
C MET A 224 -26.10 -16.08 4.76
N ALA A 225 -27.08 -16.90 5.14
CA ALA A 225 -28.32 -17.05 4.41
C ALA A 225 -29.38 -16.08 4.89
N PHE A 226 -30.25 -15.70 3.97
CA PHE A 226 -31.33 -14.79 4.27
C PHE A 226 -32.60 -15.41 3.72
N ARG A 227 -33.70 -15.21 4.42
CA ARG A 227 -34.99 -15.72 3.98
C ARG A 227 -36.07 -14.88 4.62
N ILE A 228 -37.31 -15.10 4.20
CA ILE A 228 -38.39 -14.37 4.81
C ILE A 228 -39.32 -15.38 5.44
N VAL A 229 -39.32 -15.39 6.76
CA VAL A 229 -40.11 -16.33 7.53
C VAL A 229 -41.58 -16.48 7.17
N ASN A 230 -42.26 -15.37 6.92
CA ASN A 230 -43.68 -15.43 6.59
C ASN A 230 -43.95 -16.32 5.37
N GLU A 231 -45.14 -16.91 5.34
CA GLU A 231 -45.53 -17.73 4.18
C GLU A 231 -45.84 -16.67 3.11
N HIS A 232 -46.27 -17.11 1.93
CA HIS A 232 -46.56 -16.14 0.86
C HIS A 232 -47.94 -15.48 0.96
N ASP A 233 -48.04 -14.27 0.42
CA ASP A 233 -49.29 -13.54 0.35
C ASP A 233 -49.77 -13.72 -1.10
N GLU A 234 -50.90 -13.12 -1.45
CA GLU A 234 -51.40 -13.26 -2.82
C GLU A 234 -50.39 -12.63 -3.80
N HIS A 235 -49.98 -11.41 -3.50
CA HIS A 235 -49.02 -10.68 -4.32
C HIS A 235 -47.60 -11.10 -3.96
N LYS A 236 -46.66 -10.76 -4.82
CA LYS A 236 -45.25 -11.09 -4.62
C LYS A 236 -44.53 -9.89 -4.02
N THR A 237 -43.64 -10.14 -3.05
CA THR A 237 -42.91 -9.03 -2.46
C THR A 237 -41.40 -9.21 -2.61
N LEU A 238 -40.74 -8.13 -3.03
CA LEU A 238 -39.30 -8.13 -3.25
C LEU A 238 -38.52 -7.44 -2.16
N VAL A 239 -37.79 -8.22 -1.38
CA VAL A 239 -36.97 -7.70 -0.31
C VAL A 239 -35.51 -7.66 -0.70
N LYS A 240 -34.94 -6.47 -0.61
CA LYS A 240 -33.56 -6.22 -0.95
C LYS A 240 -32.78 -6.03 0.35
N ILE A 241 -31.71 -6.80 0.53
CA ILE A 241 -30.91 -6.74 1.75
C ILE A 241 -29.51 -6.14 1.56
N ARG A 242 -29.18 -5.19 2.43
CA ARG A 242 -27.86 -4.53 2.41
C ARG A 242 -27.12 -4.73 3.72
N VAL A 243 -25.89 -5.20 3.62
CA VAL A 243 -25.07 -5.44 4.80
C VAL A 243 -24.01 -4.36 4.91
N TYR A 244 -23.91 -3.76 6.09
CA TYR A 244 -22.93 -2.72 6.33
C TYR A 244 -21.91 -3.18 7.35
N HIS A 245 -20.66 -2.81 7.14
CA HIS A 245 -19.59 -3.20 8.05
C HIS A 245 -18.84 -2.03 8.66
N ARG A 246 -18.59 -2.10 9.96
CA ARG A 246 -17.84 -1.07 10.69
C ARG A 246 -16.80 -1.77 11.53
N ALA A 247 -15.54 -1.39 11.37
CA ALA A 247 -14.48 -2.02 12.13
C ALA A 247 -14.29 -1.26 13.43
N LYS A 248 -13.87 -1.97 14.46
CA LYS A 248 -13.61 -1.33 15.74
C LYS A 248 -12.55 -2.12 16.49
N HIS A 249 -11.62 -1.40 17.12
CA HIS A 249 -10.51 -1.99 17.85
C HIS A 249 -9.51 -2.40 16.79
N VAL A 250 -9.21 -1.44 15.93
CA VAL A 250 -8.33 -1.60 14.78
C VAL A 250 -6.82 -1.66 15.00
N GLU A 251 -6.18 -2.49 14.18
CA GLU A 251 -4.73 -2.66 14.16
C GLU A 251 -4.36 -2.95 12.72
N ALA A 252 -3.46 -2.17 12.14
CA ALA A 252 -3.05 -2.37 10.75
C ALA A 252 -1.54 -2.42 10.58
N TRP A 253 -1.07 -3.24 9.64
CA TRP A 253 0.35 -3.39 9.40
C TRP A 253 0.77 -3.32 7.93
N ILE A 254 2.01 -2.91 7.71
CA ILE A 254 2.58 -2.82 6.37
C ILE A 254 1.75 -2.02 5.40
N PRO A 255 1.91 -0.69 5.37
CA PRO A 255 1.13 0.10 4.44
C PRO A 255 1.60 -0.22 3.03
N ARG A 256 0.74 0.01 2.03
CA ARG A 256 1.14 -0.28 0.66
C ARG A 256 0.57 0.72 -0.33
N ALA A 257 1.00 0.61 -1.58
CA ALA A 257 0.54 1.50 -2.64
C ALA A 257 -0.97 1.40 -2.75
N PRO A 258 -1.65 2.55 -2.81
CA PRO A 258 -3.10 2.53 -2.91
C PRO A 258 -3.48 1.95 -4.27
N ARG A 259 -4.69 1.41 -4.39
CA ARG A 259 -5.06 0.85 -5.67
C ARG A 259 -5.33 1.96 -6.66
N ALA A 260 -4.84 1.77 -7.87
CA ALA A 260 -4.99 2.75 -8.94
C ALA A 260 -6.01 2.35 -9.98
N LEU A 261 -5.85 1.14 -10.53
CA LEU A 261 -6.76 0.64 -11.55
C LEU A 261 -7.98 -0.01 -10.94
N PRO A 262 -9.10 0.00 -11.65
CA PRO A 262 -10.36 -0.59 -11.18
C PRO A 262 -10.27 -2.09 -10.93
N TYR A 263 -11.16 -2.59 -10.07
CA TYR A 263 -11.18 -4.01 -9.75
C TYR A 263 -11.98 -4.79 -10.76
N THR A 264 -11.77 -6.10 -10.80
CA THR A 264 -12.51 -6.97 -11.72
C THR A 264 -13.06 -8.17 -11.00
N SER A 265 -12.45 -8.54 -9.89
CA SER A 265 -12.90 -9.71 -9.17
C SER A 265 -12.64 -9.70 -7.67
N ILE A 266 -13.51 -10.38 -6.94
CA ILE A 266 -13.38 -10.49 -5.50
C ILE A 266 -12.11 -11.25 -5.14
N GLY A 267 -11.22 -10.61 -4.39
CA GLY A 267 -10.00 -11.30 -3.98
C GLY A 267 -8.79 -11.23 -4.89
N ARG A 268 -8.98 -11.15 -6.20
CA ARG A 268 -7.82 -11.09 -7.08
C ARG A 268 -7.40 -9.64 -7.22
N THR A 269 -6.13 -9.41 -7.56
CA THR A 269 -5.63 -8.06 -7.75
C THR A 269 -5.78 -7.68 -9.21
N ASN A 270 -6.36 -8.60 -9.97
CA ASN A 270 -6.56 -8.42 -11.41
C ASN A 270 -7.19 -7.09 -11.78
N TYR A 271 -6.80 -6.57 -12.93
CA TYR A 271 -7.36 -5.33 -13.43
C TYR A 271 -7.66 -5.55 -14.91
N PRO A 272 -8.76 -4.96 -15.41
CA PRO A 272 -9.21 -5.07 -16.80
C PRO A 272 -8.22 -4.77 -17.92
N LYS A 273 -8.38 -5.47 -19.03
CA LYS A 273 -7.53 -5.26 -20.21
C LYS A 273 -8.00 -3.97 -20.87
N ASN A 274 -7.08 -3.31 -21.58
CA ASN A 274 -7.41 -2.06 -22.27
C ASN A 274 -8.10 -1.11 -21.30
N THR A 275 -7.42 -0.80 -20.21
CA THR A 275 -8.01 0.11 -19.24
C THR A 275 -7.50 1.53 -19.50
N GLU A 276 -8.32 2.51 -19.13
CA GLU A 276 -7.97 3.89 -19.33
C GLU A 276 -6.85 4.36 -18.44
N PRO A 277 -6.06 5.34 -18.92
CA PRO A 277 -4.93 5.89 -18.15
C PRO A 277 -5.51 6.51 -16.88
N VAL A 278 -4.89 6.19 -15.75
CA VAL A 278 -5.37 6.72 -14.49
C VAL A 278 -4.67 8.04 -14.13
N ILE A 279 -3.44 8.22 -14.60
CA ILE A 279 -2.72 9.47 -14.34
C ILE A 279 -3.21 10.49 -15.35
N LYS A 280 -3.71 11.63 -14.87
CA LYS A 280 -4.20 12.65 -15.81
C LYS A 280 -3.12 13.11 -16.77
N LYS A 281 -3.52 13.44 -18.02
CA LYS A 281 -2.56 13.93 -19.00
C LYS A 281 -2.68 15.46 -19.09
N ARG A 282 -1.54 16.13 -19.06
CA ARG A 282 -1.54 17.59 -19.12
C ARG A 282 -2.10 18.17 -20.40
N LYS A 283 -2.92 19.21 -20.23
CA LYS A 283 -3.47 19.90 -21.37
C LYS A 283 -2.37 20.90 -21.78
N GLY A 284 -1.18 20.39 -22.10
CA GLY A 284 -0.12 21.29 -22.49
C GLY A 284 1.27 20.83 -22.10
N ASP A 285 2.14 21.79 -21.81
CA ASP A 285 3.54 21.59 -21.42
C ASP A 285 3.75 20.94 -20.07
N ILE A 286 5.00 20.65 -19.76
CA ILE A 286 5.35 20.11 -18.46
C ILE A 286 5.67 21.38 -17.68
N LYS A 287 5.57 22.51 -18.36
CA LYS A 287 5.83 23.82 -17.78
C LYS A 287 4.51 24.54 -17.51
N SER A 288 3.41 23.90 -17.90
CA SER A 288 2.07 24.47 -17.74
C SER A 288 1.59 24.49 -16.30
N TYR A 289 0.89 25.55 -15.91
CA TYR A 289 0.39 25.66 -14.54
C TYR A 289 -1.02 25.08 -14.33
N GLY B 8 37.80 7.56 9.69
CA GLY B 8 36.84 8.05 8.61
C GLY B 8 35.85 7.00 8.09
N TYR B 9 34.92 6.58 8.96
CA TYR B 9 33.89 5.58 8.61
C TYR B 9 32.76 6.23 7.82
N SER B 10 32.46 5.62 6.67
CA SER B 10 31.46 6.16 5.77
C SER B 10 30.23 5.31 5.52
N ASP B 11 29.15 5.99 5.13
CA ASP B 11 27.88 5.36 4.79
C ASP B 11 28.11 4.47 3.61
N ARG B 12 29.00 4.94 2.75
CA ARG B 12 29.40 4.31 1.51
C ARG B 12 30.14 3.01 1.60
N VAL B 13 31.06 2.89 2.54
CA VAL B 13 31.81 1.65 2.67
C VAL B 13 31.16 0.70 3.67
N GLN B 14 30.98 -0.55 3.28
CA GLN B 14 30.37 -1.52 4.16
C GLN B 14 30.79 -2.94 3.92
N GLN B 15 30.69 -3.75 4.98
CA GLN B 15 31.01 -5.15 4.89
C GLN B 15 29.90 -5.89 5.58
N ILE B 16 29.47 -7.01 5.02
CA ILE B 16 28.41 -7.79 5.62
C ILE B 16 28.91 -9.22 5.61
N THR B 17 28.91 -9.86 6.76
CA THR B 17 29.38 -11.23 6.85
C THR B 17 28.32 -12.12 7.43
N LEU B 18 27.99 -13.18 6.72
CA LEU B 18 27.00 -14.14 7.18
C LEU B 18 27.57 -15.50 6.83
N GLY B 19 27.65 -16.39 7.80
CA GLY B 19 28.21 -17.69 7.53
C GLY B 19 29.63 -17.53 7.02
N ASN B 20 30.00 -18.26 5.98
CA ASN B 20 31.34 -18.15 5.45
C ASN B 20 31.36 -17.25 4.23
N SER B 21 30.42 -16.32 4.16
CA SER B 21 30.35 -15.42 3.02
C SER B 21 30.39 -13.96 3.45
N THR B 22 31.22 -13.17 2.80
CA THR B 22 31.31 -11.74 3.13
C THR B 22 31.11 -10.88 1.89
N ILE B 23 30.49 -9.73 2.07
CA ILE B 23 30.23 -8.81 0.98
C ILE B 23 30.84 -7.45 1.28
N THR B 24 31.45 -6.83 0.29
CA THR B 24 32.01 -5.50 0.52
C THR B 24 31.45 -4.60 -0.56
N THR B 25 31.38 -3.31 -0.26
CA THR B 25 30.89 -2.34 -1.22
C THR B 25 31.52 -1.03 -0.82
N GLN B 26 32.03 -0.27 -1.78
CA GLN B 26 32.66 0.98 -1.47
C GLN B 26 31.85 2.17 -1.94
N GLU B 27 30.66 1.88 -2.48
CA GLU B 27 29.78 2.93 -2.97
C GLU B 27 28.32 2.67 -2.67
N ALA B 28 28.02 2.41 -1.40
CA ALA B 28 26.66 2.15 -0.99
C ALA B 28 26.03 3.45 -0.52
N ALA B 29 24.79 3.36 -0.10
CA ALA B 29 24.05 4.50 0.41
C ALA B 29 23.34 3.98 1.64
N ASN B 30 24.12 3.76 2.68
CA ASN B 30 23.59 3.25 3.93
C ASN B 30 22.99 1.89 3.62
N ALA B 31 21.95 1.51 4.33
CA ALA B 31 21.28 0.23 4.12
C ALA B 31 19.93 0.36 4.78
N VAL B 32 18.95 -0.40 4.30
CA VAL B 32 17.63 -0.31 4.87
C VAL B 32 17.25 -1.52 5.67
N VAL B 33 16.57 -1.27 6.78
CA VAL B 33 16.11 -2.33 7.66
C VAL B 33 14.60 -2.17 7.67
N CYS B 34 13.93 -3.00 6.89
CA CYS B 34 12.48 -2.94 6.78
C CYS B 34 11.79 -2.63 8.08
N TYR B 35 11.04 -1.54 8.10
CA TYR B 35 10.28 -1.14 9.28
C TYR B 35 11.11 -1.06 10.55
N ALA B 36 12.38 -0.72 10.39
CA ALA B 36 13.31 -0.56 11.51
C ALA B 36 13.42 -1.76 12.42
N GLU B 37 13.22 -2.96 11.88
CA GLU B 37 13.30 -4.16 12.68
C GLU B 37 14.25 -5.20 12.16
N TRP B 38 15.22 -5.56 12.99
CA TRP B 38 16.19 -6.56 12.61
C TRP B 38 15.54 -7.93 12.78
N PRO B 39 15.88 -8.87 11.90
CA PRO B 39 15.29 -10.22 11.99
C PRO B 39 15.64 -10.90 13.31
N GLU B 40 14.69 -11.66 13.83
CA GLU B 40 14.87 -12.37 15.10
C GLU B 40 14.20 -13.75 15.02
N TYR B 41 14.56 -14.64 15.94
CA TYR B 41 13.97 -15.98 15.96
C TYR B 41 12.57 -15.93 16.57
N LEU B 42 11.83 -17.03 16.45
CA LEU B 42 10.48 -17.09 16.98
C LEU B 42 10.46 -17.28 18.49
N PRO B 43 9.96 -16.29 19.24
CA PRO B 43 9.88 -16.37 20.70
C PRO B 43 8.72 -17.23 21.17
N ASP B 44 8.90 -17.91 22.29
CA ASP B 44 7.87 -18.79 22.84
C ASP B 44 6.49 -18.17 22.89
N VAL B 45 6.39 -16.94 23.37
CA VAL B 45 5.11 -16.28 23.50
C VAL B 45 4.27 -16.17 22.21
N ASP B 46 4.93 -16.21 21.05
CA ASP B 46 4.22 -16.11 19.79
C ASP B 46 4.01 -17.45 19.08
N ALA B 47 4.76 -18.46 19.48
CA ALA B 47 4.67 -19.77 18.85
C ALA B 47 3.36 -20.52 19.07
N SER B 48 3.11 -21.49 18.20
CA SER B 48 1.90 -22.31 18.28
C SER B 48 2.34 -23.75 18.02
N ASP B 49 2.92 -23.98 16.85
CA ASP B 49 3.43 -25.27 16.46
C ASP B 49 4.33 -25.77 17.59
N VAL B 50 3.95 -26.88 18.22
CA VAL B 50 4.72 -27.41 19.34
C VAL B 50 6.04 -28.10 19.03
N ASN B 51 6.36 -28.26 17.76
CA ASN B 51 7.60 -28.94 17.39
C ASN B 51 8.83 -28.10 17.68
N LYS B 52 9.88 -28.74 18.18
CA LYS B 52 11.13 -28.05 18.43
C LYS B 52 11.66 -27.70 17.05
N THR B 53 12.06 -26.45 16.84
CA THR B 53 12.56 -26.04 15.52
C THR B 53 14.02 -26.32 15.30
N SER B 54 14.42 -26.32 14.03
CA SER B 54 15.80 -26.56 13.66
C SER B 54 16.43 -25.25 13.23
N LYS B 55 17.64 -25.00 13.70
CA LYS B 55 18.34 -23.78 13.36
C LYS B 55 19.71 -24.11 12.80
N PRO B 56 19.78 -24.34 11.48
CA PRO B 56 21.01 -24.68 10.75
C PRO B 56 22.10 -23.63 10.86
N ASP B 57 21.71 -22.42 11.22
CA ASP B 57 22.64 -21.32 11.37
C ASP B 57 23.48 -21.05 10.12
N THR B 58 24.80 -21.03 10.27
CA THR B 58 25.70 -20.71 9.15
C THR B 58 25.59 -21.55 7.89
N SER B 59 24.90 -22.68 7.94
CA SER B 59 24.79 -23.49 6.74
C SER B 59 23.69 -23.05 5.81
N VAL B 60 22.85 -22.14 6.27
CA VAL B 60 21.77 -21.65 5.43
C VAL B 60 21.70 -20.14 5.51
N CYS B 61 22.32 -19.57 6.52
CA CYS B 61 22.33 -18.13 6.68
C CYS B 61 23.60 -17.58 6.10
N ARG B 62 23.69 -17.65 4.77
CA ARG B 62 24.84 -17.17 4.05
C ARG B 62 24.38 -16.53 2.75
N PHE B 63 25.32 -15.92 2.04
CA PHE B 63 24.99 -15.26 0.78
C PHE B 63 24.96 -16.17 -0.44
N TYR B 64 23.84 -16.13 -1.16
CA TYR B 64 23.69 -16.91 -2.37
C TYR B 64 23.54 -15.90 -3.50
N THR B 65 24.34 -16.03 -4.54
CA THR B 65 24.26 -15.10 -5.65
C THR B 65 23.50 -15.66 -6.84
N LEU B 66 22.38 -15.02 -7.18
CA LEU B 66 21.54 -15.44 -8.29
C LEU B 66 22.25 -15.21 -9.63
N ASP B 67 21.60 -15.61 -10.71
CA ASP B 67 22.18 -15.41 -12.04
C ASP B 67 22.08 -13.95 -12.40
N SER B 68 23.11 -13.38 -13.01
CA SER B 68 23.08 -11.96 -13.35
C SER B 68 22.06 -11.60 -14.43
N LYS B 69 21.45 -10.43 -14.29
CA LYS B 69 20.50 -9.96 -15.27
C LYS B 69 21.19 -8.93 -16.15
N THR B 70 20.68 -8.70 -17.35
CA THR B 70 21.31 -7.72 -18.24
C THR B 70 20.40 -6.51 -18.48
N TRP B 71 20.88 -5.36 -18.00
CA TRP B 71 20.17 -4.09 -18.10
C TRP B 71 20.46 -3.42 -19.43
N THR B 72 19.43 -3.30 -20.25
CA THR B 72 19.58 -2.66 -21.54
C THR B 72 18.69 -1.44 -21.58
N THR B 73 18.93 -0.60 -22.58
CA THR B 73 18.17 0.63 -22.74
C THR B 73 16.67 0.33 -22.83
N GLY B 74 16.33 -0.93 -23.04
CA GLY B 74 14.92 -1.28 -23.15
C GLY B 74 14.34 -2.10 -22.01
N SER B 75 15.19 -2.53 -21.06
CA SER B 75 14.73 -3.33 -19.92
C SER B 75 13.56 -2.68 -19.18
N LYS B 76 12.64 -3.50 -18.70
CA LYS B 76 11.47 -3.00 -17.97
C LYS B 76 11.65 -3.20 -16.46
N GLY B 77 12.33 -4.28 -16.09
CA GLY B 77 12.55 -4.57 -14.68
C GLY B 77 12.50 -6.08 -14.46
N TRP B 78 12.70 -6.50 -13.22
CA TRP B 78 12.67 -7.91 -12.86
C TRP B 78 12.00 -8.07 -11.53
N CYS B 79 11.57 -9.29 -11.22
CA CYS B 79 10.90 -9.55 -9.95
C CYS B 79 11.17 -10.95 -9.44
N TRP B 80 11.78 -11.02 -8.26
CA TRP B 80 12.06 -12.31 -7.63
C TRP B 80 11.10 -12.46 -6.49
N LYS B 81 11.03 -13.66 -5.93
CA LYS B 81 10.14 -13.90 -4.82
C LYS B 81 10.85 -14.79 -3.81
N LEU B 82 10.69 -14.47 -2.54
CA LEU B 82 11.32 -15.25 -1.48
C LEU B 82 10.25 -15.94 -0.66
N PRO B 83 10.56 -17.13 -0.14
CA PRO B 83 11.84 -17.84 -0.29
C PRO B 83 12.09 -18.47 -1.64
N ASP B 84 11.09 -18.50 -2.52
CA ASP B 84 11.22 -19.11 -3.84
C ASP B 84 12.59 -19.00 -4.52
N ALA B 85 13.05 -17.78 -4.74
CA ALA B 85 14.32 -17.54 -5.42
C ALA B 85 15.50 -18.36 -4.92
N LEU B 86 15.44 -18.83 -3.68
CA LEU B 86 16.54 -19.61 -3.14
C LEU B 86 16.18 -21.07 -3.01
N LYS B 87 15.03 -21.48 -3.53
CA LYS B 87 14.58 -22.87 -3.41
C LYS B 87 15.60 -23.93 -3.81
N ASP B 88 16.55 -23.60 -4.67
CA ASP B 88 17.56 -24.56 -5.12
C ASP B 88 18.96 -24.23 -4.62
N MET B 89 19.05 -23.38 -3.61
CA MET B 89 20.33 -22.97 -3.05
C MET B 89 20.81 -23.81 -1.87
N GLY B 90 21.91 -24.52 -2.07
CA GLY B 90 22.49 -25.36 -1.04
C GLY B 90 21.57 -25.96 0.00
N VAL B 91 22.03 -25.99 1.24
CA VAL B 91 21.26 -26.57 2.32
C VAL B 91 20.00 -25.78 2.63
N PHE B 92 19.98 -24.49 2.36
CA PHE B 92 18.77 -23.71 2.63
C PHE B 92 17.61 -24.30 1.84
N GLY B 93 17.83 -24.48 0.54
CA GLY B 93 16.80 -25.03 -0.30
C GLY B 93 16.35 -26.38 0.19
N GLN B 94 17.29 -27.30 0.36
CA GLN B 94 16.94 -28.63 0.82
C GLN B 94 16.00 -28.58 2.02
N ASN B 95 16.35 -27.80 3.04
CA ASN B 95 15.53 -27.70 4.24
C ASN B 95 14.13 -27.25 3.92
N MET B 96 14.01 -26.36 2.96
CA MET B 96 12.73 -25.81 2.53
C MET B 96 11.72 -26.87 2.15
N PHE B 97 12.17 -27.85 1.40
CA PHE B 97 11.28 -28.90 0.95
C PHE B 97 11.09 -30.02 1.94
N PHE B 98 12.11 -30.29 2.75
CA PHE B 98 12.00 -31.36 3.71
C PHE B 98 11.14 -31.02 4.92
N HIS B 99 10.90 -29.73 5.16
CA HIS B 99 10.10 -29.32 6.29
C HIS B 99 8.73 -28.81 5.89
N SER B 100 7.77 -29.06 6.77
CA SER B 100 6.42 -28.63 6.53
C SER B 100 6.34 -27.13 6.70
N LEU B 101 7.04 -26.63 7.72
CA LEU B 101 7.02 -25.21 8.05
C LEU B 101 8.41 -24.60 8.13
N GLY B 102 8.46 -23.27 8.10
CA GLY B 102 9.73 -22.58 8.19
C GLY B 102 9.56 -21.07 8.14
N ARG B 103 10.46 -20.36 8.81
CA ARG B 103 10.39 -18.91 8.83
C ARG B 103 11.80 -18.38 8.65
N SER B 104 11.93 -17.19 8.06
CA SER B 104 13.24 -16.62 7.85
C SER B 104 13.21 -15.16 7.40
N GLY B 105 14.35 -14.50 7.56
CA GLY B 105 14.50 -13.13 7.16
C GLY B 105 15.69 -13.15 6.23
N TYR B 106 16.00 -12.05 5.56
CA TYR B 106 17.15 -12.05 4.65
C TYR B 106 17.83 -10.70 4.59
N THR B 107 18.98 -10.68 3.94
CA THR B 107 19.74 -9.46 3.72
C THR B 107 19.89 -9.48 2.21
N VAL B 108 19.24 -8.54 1.53
CA VAL B 108 19.29 -8.48 0.08
C VAL B 108 20.32 -7.48 -0.38
N HIS B 109 21.21 -7.92 -1.27
CA HIS B 109 22.25 -7.03 -1.77
C HIS B 109 22.23 -7.04 -3.29
N VAL B 110 21.80 -5.92 -3.87
CA VAL B 110 21.76 -5.79 -5.32
C VAL B 110 22.96 -4.96 -5.81
N GLN B 111 23.71 -5.50 -6.77
CA GLN B 111 24.88 -4.82 -7.30
C GLN B 111 24.75 -4.39 -8.75
N CYS B 112 25.39 -3.26 -9.09
CA CYS B 112 25.39 -2.74 -10.46
C CYS B 112 26.32 -1.53 -10.59
N ASN B 113 27.54 -1.77 -11.06
CA ASN B 113 28.49 -0.69 -11.24
C ASN B 113 28.57 -0.26 -12.69
N ALA B 114 29.05 0.96 -12.91
CA ALA B 114 29.18 1.52 -14.24
C ALA B 114 30.35 2.48 -14.17
N THR B 115 30.17 3.70 -14.66
CA THR B 115 31.25 4.70 -14.59
C THR B 115 30.65 6.06 -14.29
N LYS B 116 31.51 7.05 -14.08
CA LYS B 116 31.04 8.39 -13.80
C LYS B 116 30.52 9.04 -15.08
N PHE B 117 30.53 8.29 -16.17
CA PHE B 117 30.04 8.80 -17.43
C PHE B 117 28.67 8.22 -17.74
N HIS B 118 28.36 7.08 -17.15
CA HIS B 118 27.05 6.45 -17.36
C HIS B 118 25.98 7.19 -16.58
N SER B 119 24.74 6.73 -16.71
CA SER B 119 23.63 7.34 -16.00
C SER B 119 22.52 6.32 -15.96
N GLY B 120 21.84 6.21 -14.83
CA GLY B 120 20.76 5.26 -14.70
C GLY B 120 20.32 5.17 -13.25
N CYS B 121 19.07 4.83 -13.01
CA CYS B 121 18.59 4.75 -11.65
C CYS B 121 17.63 3.61 -11.43
N LEU B 122 18.07 2.61 -10.68
CA LEU B 122 17.26 1.44 -10.38
C LEU B 122 16.56 1.58 -9.04
N LEU B 123 15.30 1.17 -8.98
CA LEU B 123 14.54 1.20 -7.74
C LEU B 123 14.56 -0.21 -7.19
N VAL B 124 15.13 -0.41 -6.02
CA VAL B 124 15.18 -1.73 -5.42
C VAL B 124 14.21 -1.72 -4.25
N VAL B 125 13.20 -2.57 -4.31
CA VAL B 125 12.19 -2.59 -3.26
C VAL B 125 11.76 -4.00 -2.87
N VAL B 126 11.31 -4.13 -1.63
CA VAL B 126 10.82 -5.39 -1.08
C VAL B 126 9.34 -5.21 -0.82
N ILE B 127 8.51 -6.10 -1.35
CA ILE B 127 7.08 -5.99 -1.16
C ILE B 127 6.47 -7.18 -0.42
N PRO B 128 6.03 -6.99 0.82
CA PRO B 128 5.44 -8.08 1.59
C PRO B 128 4.13 -8.49 0.92
N GLU B 129 3.84 -9.77 0.88
CA GLU B 129 2.60 -10.26 0.26
C GLU B 129 2.32 -9.58 -1.08
N HIS B 130 3.20 -9.81 -2.06
CA HIS B 130 3.02 -9.22 -3.37
C HIS B 130 2.19 -10.15 -4.24
N GLN B 131 0.88 -10.13 -4.01
CA GLN B 131 -0.06 -10.96 -4.76
C GLN B 131 -0.23 -10.37 -6.15
N LEU B 132 0.28 -11.08 -7.15
CA LEU B 132 0.23 -10.64 -8.53
C LEU B 132 -1.14 -10.74 -9.19
N ALA B 133 -1.33 -10.00 -10.27
CA ALA B 133 -2.59 -10.01 -11.01
C ALA B 133 -2.43 -10.75 -12.35
N SER B 134 -3.51 -11.33 -12.84
CA SER B 134 -3.47 -12.05 -14.10
C SER B 134 -3.76 -11.08 -15.23
N HIS B 135 -2.96 -11.14 -16.29
CA HIS B 135 -3.16 -10.22 -17.42
C HIS B 135 -4.51 -10.45 -18.11
N GLU B 136 -5.09 -11.63 -17.92
CA GLU B 136 -6.36 -11.94 -18.56
C GLU B 136 -7.53 -11.17 -17.94
N GLY B 137 -7.30 -10.61 -16.76
CA GLY B 137 -8.34 -9.85 -16.09
C GLY B 137 -9.46 -10.71 -15.52
N GLY B 138 -10.67 -10.19 -15.56
CA GLY B 138 -11.80 -10.92 -15.05
C GLY B 138 -11.48 -11.56 -13.72
N ASN B 139 -11.58 -12.90 -13.66
CA ASN B 139 -11.30 -13.61 -12.42
C ASN B 139 -10.35 -14.78 -12.66
N VAL B 140 -9.43 -14.59 -13.59
CA VAL B 140 -8.44 -15.62 -13.91
C VAL B 140 -7.33 -15.69 -12.85
N SER B 141 -6.91 -16.90 -12.53
CA SER B 141 -5.86 -17.09 -11.54
C SER B 141 -4.47 -17.01 -12.17
N VAL B 142 -3.45 -17.11 -11.33
CA VAL B 142 -2.08 -17.10 -11.79
C VAL B 142 -1.47 -18.39 -11.27
N LYS B 143 -1.35 -19.38 -12.16
CA LYS B 143 -0.83 -20.70 -11.82
C LYS B 143 0.49 -20.71 -11.05
N TYR B 144 0.58 -21.67 -10.13
CA TYR B 144 1.73 -21.85 -9.26
C TYR B 144 3.08 -21.62 -9.94
N THR B 145 3.39 -22.38 -10.99
CA THR B 145 4.67 -22.23 -11.66
C THR B 145 5.07 -20.82 -12.04
N PHE B 146 4.08 -19.98 -12.35
CA PHE B 146 4.37 -18.62 -12.77
C PHE B 146 4.75 -17.66 -11.68
N THR B 147 4.50 -18.02 -10.43
CA THR B 147 4.87 -17.16 -9.31
C THR B 147 5.99 -17.86 -8.54
N HIS B 148 6.56 -18.90 -9.13
CA HIS B 148 7.67 -19.63 -8.52
C HIS B 148 8.77 -19.79 -9.58
N PRO B 149 9.15 -18.69 -10.23
CA PRO B 149 10.17 -18.69 -11.28
C PRO B 149 11.51 -19.21 -10.77
N GLY B 150 11.67 -19.20 -9.45
CA GLY B 150 12.91 -19.66 -8.87
C GLY B 150 14.02 -18.66 -9.14
N GLU B 151 15.25 -19.14 -9.00
CA GLU B 151 16.44 -18.35 -9.19
C GLU B 151 16.39 -17.35 -10.35
N ARG B 152 15.85 -17.78 -11.49
CA ARG B 152 15.74 -16.93 -12.68
C ARG B 152 14.90 -15.68 -12.49
N GLY B 153 13.84 -15.78 -11.68
CA GLY B 153 12.98 -14.63 -11.46
C GLY B 153 12.07 -14.33 -12.63
N ILE B 154 11.25 -13.29 -12.50
CA ILE B 154 10.33 -12.89 -13.56
C ILE B 154 10.85 -11.65 -14.28
N ASP B 155 10.96 -11.75 -15.60
CA ASP B 155 11.44 -10.61 -16.41
C ASP B 155 10.25 -9.80 -16.92
N LEU B 156 10.06 -8.61 -16.36
CA LEU B 156 8.94 -7.77 -16.75
C LEU B 156 8.86 -7.31 -18.20
N SER B 157 9.90 -7.57 -18.98
CA SER B 157 9.86 -7.15 -20.38
C SER B 157 9.56 -8.31 -21.32
N SER B 158 9.40 -9.50 -20.74
CA SER B 158 9.06 -10.70 -21.53
C SER B 158 7.56 -10.63 -21.80
N ALA B 159 7.08 -11.48 -22.71
CA ALA B 159 5.66 -11.45 -23.06
C ALA B 159 4.76 -12.29 -22.16
N ASN B 160 3.49 -11.91 -22.08
CA ASN B 160 2.51 -12.64 -21.26
C ASN B 160 2.51 -14.10 -21.69
N GLU B 161 2.10 -14.97 -20.79
CA GLU B 161 1.97 -16.37 -21.14
C GLU B 161 0.77 -16.95 -20.40
N VAL B 162 0.09 -17.90 -21.03
CA VAL B 162 -1.10 -18.50 -20.47
C VAL B 162 -0.93 -19.04 -19.06
N GLY B 163 -1.69 -18.46 -18.14
CA GLY B 163 -1.63 -18.85 -16.74
C GLY B 163 -0.77 -17.91 -15.92
N GLY B 164 0.10 -17.17 -16.61
CA GLY B 164 0.99 -16.23 -15.94
C GLY B 164 0.36 -14.94 -15.47
N PRO B 165 1.18 -14.06 -14.86
CA PRO B 165 0.81 -12.76 -14.31
C PRO B 165 1.03 -11.65 -15.32
N VAL B 166 0.39 -10.51 -15.11
CA VAL B 166 0.59 -9.37 -16.00
C VAL B 166 1.98 -8.80 -15.68
N LYS B 167 2.59 -8.09 -16.63
CA LYS B 167 3.93 -7.57 -16.37
C LYS B 167 4.18 -6.12 -16.75
N ASP B 168 3.18 -5.26 -16.59
CA ASP B 168 3.33 -3.85 -16.90
C ASP B 168 3.98 -3.17 -15.70
N VAL B 169 5.26 -2.79 -15.84
CA VAL B 169 5.96 -2.16 -14.75
C VAL B 169 5.16 -1.02 -14.16
N LEU B 170 4.47 -0.32 -15.02
CA LEU B 170 3.68 0.81 -14.59
C LEU B 170 2.67 0.49 -13.49
N TYR B 171 2.16 -0.73 -13.47
CA TYR B 171 1.15 -1.08 -12.46
C TYR B 171 1.58 -2.10 -11.43
N ASN B 172 2.88 -2.15 -11.17
CA ASN B 172 3.46 -3.07 -10.19
C ASN B 172 2.93 -4.50 -10.25
N MET B 173 2.42 -4.91 -11.40
CA MET B 173 1.90 -6.26 -11.56
C MET B 173 0.75 -6.52 -10.61
N ASN B 174 0.15 -5.46 -10.06
CA ASN B 174 -0.95 -5.67 -9.14
C ASN B 174 -2.00 -4.58 -9.10
N GLY B 175 -1.99 -3.68 -10.07
CA GLY B 175 -3.02 -2.66 -10.06
C GLY B 175 -2.75 -1.41 -9.24
N THR B 176 -1.49 -1.20 -8.87
CA THR B 176 -1.10 -0.01 -8.12
C THR B 176 -0.03 0.71 -8.94
N LEU B 177 0.10 2.02 -8.78
CA LEU B 177 1.09 2.76 -9.55
C LEU B 177 2.53 2.63 -9.08
N LEU B 178 3.44 2.48 -10.03
CA LEU B 178 4.86 2.33 -9.75
C LEU B 178 5.37 3.35 -8.74
N GLY B 179 5.08 4.62 -9.01
CA GLY B 179 5.53 5.69 -8.15
C GLY B 179 5.30 5.53 -6.66
N ASN B 180 4.28 4.79 -6.27
CA ASN B 180 4.00 4.61 -4.87
C ASN B 180 4.66 3.40 -4.27
N LEU B 181 5.55 2.76 -5.03
CA LEU B 181 6.21 1.59 -4.51
C LEU B 181 7.14 1.99 -3.37
N LEU B 182 7.45 3.28 -3.29
CA LEU B 182 8.35 3.79 -2.27
C LEU B 182 7.82 3.65 -0.84
N ILE B 183 6.52 3.43 -0.69
CA ILE B 183 5.99 3.28 0.65
C ILE B 183 6.50 1.96 1.24
N PHE B 184 7.08 1.12 0.41
CA PHE B 184 7.62 -0.15 0.86
C PHE B 184 9.10 0.06 1.13
N PRO B 185 9.68 -0.74 2.03
CA PRO B 185 11.11 -0.52 2.27
C PRO B 185 11.86 -0.64 0.95
N HIS B 186 12.53 0.44 0.56
CA HIS B 186 13.25 0.43 -0.69
C HIS B 186 14.56 1.17 -0.59
N GLN B 187 15.21 1.28 -1.74
CA GLN B 187 16.49 1.95 -1.85
C GLN B 187 16.73 2.08 -3.36
N PHE B 188 17.44 3.12 -3.79
CA PHE B 188 17.70 3.31 -5.23
C PHE B 188 19.16 3.04 -5.55
N ILE B 189 19.44 2.67 -6.79
CA ILE B 189 20.81 2.48 -7.19
C ILE B 189 20.96 3.49 -8.31
N ASN B 190 21.40 4.68 -7.94
CA ASN B 190 21.58 5.77 -8.87
C ASN B 190 23.05 5.76 -9.26
N LEU B 191 23.36 5.21 -10.42
CA LEU B 191 24.73 5.09 -10.89
C LEU B 191 25.68 6.24 -10.55
N ARG B 192 25.17 7.46 -10.46
CA ARG B 192 26.03 8.60 -10.15
C ARG B 192 26.35 8.71 -8.66
N THR B 193 25.63 7.94 -7.84
CA THR B 193 25.78 7.97 -6.39
C THR B 193 26.11 6.58 -5.83
N ASN B 194 25.41 5.66 -6.30
CA ASN B 194 25.43 4.25 -5.93
C ASN B 194 26.10 3.27 -6.84
N ASN B 195 26.02 2.02 -6.41
CA ASN B 195 26.49 0.88 -7.17
C ASN B 195 25.97 -0.38 -6.48
N THR B 196 25.41 -0.20 -5.29
CA THR B 196 24.79 -1.30 -4.52
C THR B 196 23.63 -0.80 -3.68
N ALA B 197 22.71 -1.72 -3.38
CA ALA B 197 21.55 -1.43 -2.55
C ALA B 197 21.50 -2.58 -1.55
N THR B 198 21.21 -2.24 -0.35
CA THR B 198 21.12 -3.29 0.65
C THR B 198 19.85 -3.13 1.46
N ILE B 199 19.13 -4.22 1.66
CA ILE B 199 17.90 -4.21 2.42
C ILE B 199 17.82 -5.42 3.32
N VAL B 200 17.64 -5.19 4.62
CA VAL B 200 17.53 -6.28 5.58
C VAL B 200 16.05 -6.52 5.84
N ILE B 201 15.58 -7.73 5.53
CA ILE B 201 14.18 -8.07 5.71
C ILE B 201 13.90 -9.00 6.88
N PRO B 202 13.07 -8.56 7.82
CA PRO B 202 12.70 -9.35 9.00
C PRO B 202 11.51 -10.19 8.61
N TYR B 203 11.22 -11.24 9.37
CA TYR B 203 10.08 -12.07 9.03
C TYR B 203 8.79 -11.29 9.17
N ILE B 204 8.06 -11.14 8.07
CA ILE B 204 6.81 -10.40 8.10
C ILE B 204 5.66 -11.27 7.63
N ASN B 205 4.78 -11.64 8.55
CA ASN B 205 3.65 -12.51 8.21
C ASN B 205 2.63 -12.49 9.34
N SER B 206 1.40 -12.89 9.05
CA SER B 206 0.35 -12.91 10.05
C SER B 206 0.33 -14.21 10.84
N VAL B 207 1.33 -15.06 10.61
CA VAL B 207 1.44 -16.32 11.31
C VAL B 207 2.89 -16.48 11.76
N PRO B 208 3.12 -17.10 12.92
CA PRO B 208 4.44 -17.33 13.51
C PRO B 208 5.44 -17.96 12.56
N ILE B 209 5.01 -19.02 11.92
CA ILE B 209 5.86 -19.76 11.00
C ILE B 209 4.90 -20.17 9.89
N ASP B 210 5.42 -20.47 8.71
CA ASP B 210 4.53 -20.80 7.59
C ASP B 210 5.18 -21.79 6.61
N SER B 211 4.40 -22.23 5.62
CA SER B 211 4.91 -23.15 4.61
C SER B 211 5.76 -22.34 3.67
N MET B 212 6.94 -22.84 3.34
CA MET B 212 7.83 -22.09 2.48
C MET B 212 7.72 -22.42 1.00
N THR B 213 6.85 -23.36 0.65
CA THR B 213 6.69 -23.70 -0.74
C THR B 213 5.42 -23.10 -1.33
N ARG B 214 4.33 -23.11 -0.57
CA ARG B 214 3.09 -22.58 -1.08
C ARG B 214 2.84 -21.09 -0.84
N HIS B 215 3.73 -20.43 -0.11
CA HIS B 215 3.55 -19.00 0.19
C HIS B 215 4.86 -18.23 0.13
N ASN B 216 4.90 -17.19 -0.70
CA ASN B 216 6.09 -16.37 -0.79
C ASN B 216 5.80 -15.12 0.02
N ASN B 217 6.59 -14.92 1.07
CA ASN B 217 6.42 -13.81 1.99
C ASN B 217 6.61 -12.43 1.39
N VAL B 218 7.57 -12.31 0.48
CA VAL B 218 7.82 -11.03 -0.15
C VAL B 218 8.46 -11.24 -1.48
N SER B 219 8.41 -10.23 -2.33
CA SER B 219 9.07 -10.33 -3.60
C SER B 219 10.00 -9.14 -3.69
N LEU B 220 11.13 -9.34 -4.33
CA LEU B 220 12.12 -8.30 -4.49
C LEU B 220 11.99 -7.84 -5.93
N MET B 221 12.00 -6.54 -6.16
CA MET B 221 11.91 -6.01 -7.52
C MET B 221 13.00 -5.01 -7.79
N VAL B 222 13.60 -5.10 -8.97
CA VAL B 222 14.63 -4.17 -9.38
C VAL B 222 14.00 -3.57 -10.62
N ILE B 223 13.66 -2.29 -10.56
CA ILE B 223 13.00 -1.63 -11.65
C ILE B 223 13.71 -0.38 -12.14
N PRO B 224 14.07 -0.35 -13.42
CA PRO B 224 14.76 0.85 -13.91
C PRO B 224 13.76 1.98 -13.98
N ILE B 225 14.07 3.11 -13.39
CA ILE B 225 13.19 4.27 -13.44
C ILE B 225 13.81 5.21 -14.46
N ALA B 226 14.98 5.71 -14.15
CA ALA B 226 15.70 6.57 -15.08
C ALA B 226 16.45 5.53 -15.90
N PRO B 227 16.14 5.41 -17.19
CA PRO B 227 16.77 4.46 -18.10
C PRO B 227 18.28 4.48 -18.16
N LEU B 228 18.86 3.39 -18.63
CA LEU B 228 20.31 3.28 -18.77
C LEU B 228 20.78 4.21 -19.86
N THR B 229 21.99 4.71 -19.69
CA THR B 229 22.60 5.64 -20.63
C THR B 229 24.08 5.38 -20.63
N VAL B 230 24.65 4.99 -21.76
CA VAL B 230 26.07 4.74 -21.78
C VAL B 230 26.77 5.80 -22.61
N PRO B 231 28.06 6.03 -22.34
CA PRO B 231 28.81 7.02 -23.09
C PRO B 231 28.95 6.62 -24.55
N THR B 232 29.20 7.61 -25.40
CA THR B 232 29.35 7.41 -26.83
C THR B 232 30.22 6.22 -27.24
N GLY B 233 29.61 5.34 -28.03
CA GLY B 233 30.30 4.16 -28.53
C GLY B 233 30.63 3.07 -27.53
N ALA B 234 29.90 3.02 -26.41
CA ALA B 234 30.14 1.99 -25.41
C ALA B 234 29.07 0.92 -25.49
N THR B 235 29.35 -0.25 -24.91
CA THR B 235 28.38 -1.33 -24.90
C THR B 235 27.12 -0.81 -24.21
N PRO B 236 25.98 -0.91 -24.88
CA PRO B 236 24.72 -0.43 -24.31
C PRO B 236 24.06 -1.35 -23.29
N SER B 237 24.84 -1.84 -22.33
CA SER B 237 24.29 -2.73 -21.31
C SER B 237 25.19 -2.80 -20.08
N LEU B 238 24.56 -3.10 -18.95
CA LEU B 238 25.24 -3.22 -17.67
C LEU B 238 24.64 -4.44 -17.00
N PRO B 239 25.47 -5.21 -16.28
CA PRO B 239 24.89 -6.39 -15.61
C PRO B 239 24.37 -5.99 -14.24
N ILE B 240 23.35 -6.69 -13.76
CA ILE B 240 22.79 -6.43 -12.44
C ILE B 240 22.84 -7.77 -11.72
N THR B 241 23.43 -7.78 -10.54
CA THR B 241 23.52 -9.01 -9.79
C THR B 241 22.78 -8.91 -8.48
N VAL B 242 22.15 -10.00 -8.10
CA VAL B 242 21.38 -10.06 -6.87
C VAL B 242 21.92 -11.15 -5.96
N THR B 243 22.40 -10.77 -4.78
CA THR B 243 22.92 -11.71 -3.81
C THR B 243 22.01 -11.64 -2.59
N ILE B 244 21.52 -12.80 -2.15
CA ILE B 244 20.62 -12.85 -1.00
C ILE B 244 21.10 -13.81 0.07
N ALA B 245 20.91 -13.46 1.33
CA ALA B 245 21.32 -14.30 2.43
C ALA B 245 20.24 -14.40 3.50
N PRO B 246 19.78 -15.62 3.80
CA PRO B 246 18.75 -15.78 4.81
C PRO B 246 19.40 -15.54 6.17
N MET B 247 18.61 -15.19 7.16
CA MET B 247 19.16 -14.98 8.50
C MET B 247 18.09 -15.28 9.54
N CYS B 248 18.51 -15.89 10.64
CA CYS B 248 17.60 -16.29 11.70
C CYS B 248 16.59 -17.22 11.06
N THR B 249 17.11 -18.19 10.31
CA THR B 249 16.25 -19.14 9.64
C THR B 249 15.86 -20.26 10.56
N GLU B 250 14.60 -20.66 10.51
CA GLU B 250 14.11 -21.69 11.39
C GLU B 250 13.21 -22.64 10.60
N PHE B 251 13.41 -23.94 10.78
CA PHE B 251 12.59 -24.93 10.07
C PHE B 251 11.90 -25.82 11.08
N SER B 252 10.70 -26.28 10.74
CA SER B 252 9.94 -27.12 11.66
C SER B 252 9.06 -28.15 10.96
N GLY B 253 8.88 -29.30 11.61
CA GLY B 253 8.06 -30.35 11.05
C GLY B 253 8.74 -31.03 9.88
N ILE B 254 9.81 -31.77 10.16
CA ILE B 254 10.56 -32.42 9.11
C ILE B 254 9.91 -33.71 8.64
N ARG B 255 10.04 -34.00 7.34
CA ARG B 255 9.45 -35.20 6.77
C ARG B 255 9.90 -35.49 5.33
N SER B 256 9.10 -36.31 4.66
CA SER B 256 9.30 -36.76 3.28
C SER B 256 9.96 -35.91 2.20
N LYS B 257 9.63 -34.63 2.13
CA LYS B 257 10.17 -33.72 1.10
C LYS B 257 9.10 -33.51 0.03
N SER B 258 8.59 -32.28 -0.03
CA SER B 258 7.55 -31.89 -0.97
C SER B 258 7.92 -32.12 -2.42
N ILE B 259 6.90 -32.42 -3.22
CA ILE B 259 7.05 -32.58 -4.67
C ILE B 259 6.12 -31.49 -5.19
N VAL B 260 6.69 -30.46 -5.79
CA VAL B 260 5.88 -29.36 -6.24
C VAL B 260 5.67 -29.27 -7.74
N PRO B 261 4.59 -28.58 -8.15
CA PRO B 261 4.24 -28.41 -9.54
C PRO B 261 5.45 -28.13 -10.41
N GLN B 262 5.65 -29.02 -11.38
CA GLN B 262 6.75 -28.96 -12.36
C GLN B 262 8.17 -29.14 -11.76
N GLY C 1 -41.14 -0.22 35.89
CA GLY C 1 -40.75 0.37 34.58
C GLY C 1 -40.31 1.83 34.65
N LEU C 2 -39.08 2.08 34.23
CA LEU C 2 -38.54 3.43 34.22
C LEU C 2 -39.14 4.25 33.08
N PRO C 3 -39.82 5.35 33.41
CA PRO C 3 -40.45 6.23 32.42
C PRO C 3 -39.42 6.86 31.50
N THR C 4 -39.60 6.69 30.20
CA THR C 4 -38.67 7.26 29.23
C THR C 4 -39.43 8.00 28.14
N THR C 5 -38.69 8.75 27.33
CA THR C 5 -39.26 9.51 26.21
C THR C 5 -38.29 9.37 25.06
N THR C 6 -38.70 8.71 23.99
CA THR C 6 -37.81 8.55 22.84
C THR C 6 -37.68 9.86 22.09
N LEU C 7 -36.45 10.21 21.74
CA LEU C 7 -36.15 11.45 21.03
C LEU C 7 -36.08 11.28 19.53
N PRO C 8 -36.14 12.40 18.79
CA PRO C 8 -36.07 12.29 17.34
C PRO C 8 -34.73 11.70 16.95
N GLY C 9 -34.75 10.73 16.04
CA GLY C 9 -33.50 10.12 15.63
C GLY C 9 -33.57 8.66 16.00
N SER C 10 -34.47 8.35 16.94
CA SER C 10 -34.63 6.98 17.35
C SER C 10 -34.88 6.13 16.13
N GLY C 11 -34.22 4.97 16.08
CA GLY C 11 -34.39 4.06 14.98
C GLY C 11 -33.49 4.33 13.79
N GLN C 12 -32.83 5.48 13.78
CA GLN C 12 -31.96 5.80 12.65
C GLN C 12 -30.66 5.03 12.67
N PHE C 13 -30.08 4.87 11.48
CA PHE C 13 -28.82 4.19 11.36
C PHE C 13 -27.80 5.17 10.81
N LEU C 14 -27.01 5.75 11.71
CA LEU C 14 -25.97 6.69 11.33
C LEU C 14 -24.70 5.89 11.13
N THR C 15 -24.25 5.78 9.89
CA THR C 15 -23.06 5.01 9.56
C THR C 15 -21.82 5.43 10.33
N THR C 16 -21.90 6.62 10.90
CA THR C 16 -20.80 7.21 11.61
C THR C 16 -20.87 7.09 13.14
N ASP C 17 -22.04 6.73 13.65
CA ASP C 17 -22.24 6.59 15.09
C ASP C 17 -21.38 5.47 15.67
N ASP C 18 -20.96 5.63 16.91
CA ASP C 18 -20.10 4.67 17.59
C ASP C 18 -20.71 4.14 18.89
N ARG C 19 -21.50 3.07 18.83
CA ARG C 19 -22.12 2.53 20.05
C ARG C 19 -21.81 1.06 20.26
N GLN C 20 -22.27 0.54 21.38
CA GLN C 20 -22.08 -0.85 21.72
C GLN C 20 -23.17 -1.64 21.04
N SER C 21 -22.95 -2.93 20.86
CA SER C 21 -23.92 -3.81 20.22
C SER C 21 -23.63 -5.21 20.72
N PRO C 22 -24.66 -6.04 20.89
CA PRO C 22 -24.40 -7.40 21.37
C PRO C 22 -23.52 -8.23 20.43
N SER C 23 -22.74 -9.13 21.02
CA SER C 23 -21.84 -9.98 20.24
C SER C 23 -22.55 -11.21 19.73
N ALA C 24 -22.49 -11.45 18.44
CA ALA C 24 -23.14 -12.63 17.86
C ALA C 24 -22.43 -13.91 18.20
N LEU C 25 -21.18 -13.80 18.65
CA LEU C 25 -20.39 -14.97 19.01
C LEU C 25 -19.91 -14.85 20.45
N PRO C 26 -20.83 -15.10 21.39
CA PRO C 26 -20.46 -15.01 22.80
C PRO C 26 -19.42 -16.06 23.19
N ASN C 27 -18.51 -15.68 24.07
CA ASN C 27 -17.46 -16.57 24.56
C ASN C 27 -16.45 -17.03 23.52
N TYR C 28 -16.43 -16.40 22.35
CA TYR C 28 -15.47 -16.76 21.32
C TYR C 28 -14.13 -16.20 21.75
N GLU C 29 -13.06 -16.96 21.54
CA GLU C 29 -11.73 -16.51 21.92
C GLU C 29 -10.88 -16.26 20.69
N PRO C 30 -10.71 -14.99 20.31
CA PRO C 30 -9.90 -14.71 19.13
C PRO C 30 -8.46 -15.20 19.23
N THR C 31 -7.84 -15.36 18.08
CA THR C 31 -6.48 -15.82 17.99
C THR C 31 -5.55 -14.81 18.64
N PRO C 32 -4.53 -15.29 19.36
CA PRO C 32 -3.54 -14.45 20.04
C PRO C 32 -2.86 -13.51 19.08
N ARG C 33 -2.39 -12.37 19.60
CA ARG C 33 -1.68 -11.42 18.76
C ARG C 33 -0.23 -11.84 18.73
N ILE C 34 0.43 -11.69 17.60
CA ILE C 34 1.85 -12.01 17.55
C ILE C 34 2.48 -10.73 17.03
N HIS C 35 3.79 -10.64 17.11
CA HIS C 35 4.43 -9.43 16.65
C HIS C 35 4.51 -9.36 15.14
N ILE C 36 4.08 -8.24 14.59
CA ILE C 36 4.14 -8.03 13.15
C ILE C 36 4.76 -6.67 12.96
N PRO C 37 5.91 -6.60 12.29
CA PRO C 37 6.55 -5.31 12.08
C PRO C 37 5.76 -4.41 11.15
N GLY C 38 6.05 -3.11 11.19
CA GLY C 38 5.39 -2.17 10.32
C GLY C 38 3.98 -1.73 10.71
N LYS C 39 3.70 -1.64 11.99
CA LYS C 39 2.38 -1.23 12.44
C LYS C 39 2.10 0.24 12.15
N VAL C 40 0.92 0.51 11.62
CA VAL C 40 0.51 1.87 11.30
C VAL C 40 -0.59 2.31 12.25
N HIS C 41 -0.42 3.46 12.87
CA HIS C 41 -1.41 3.95 13.80
C HIS C 41 -2.20 5.11 13.23
N ASN C 42 -1.55 5.92 12.42
CA ASN C 42 -2.19 7.10 11.86
C ASN C 42 -1.81 7.31 10.41
N LEU C 43 -2.75 7.78 9.59
CA LEU C 43 -2.44 8.01 8.20
C LEU C 43 -1.44 9.16 8.11
N LEU C 44 -1.45 10.03 9.10
CA LEU C 44 -0.52 11.15 9.11
C LEU C 44 0.90 10.62 9.25
N GLU C 45 1.00 9.37 9.68
CA GLU C 45 2.31 8.74 9.83
C GLU C 45 2.88 8.46 8.45
N ILE C 46 2.12 7.75 7.63
CA ILE C 46 2.58 7.37 6.30
C ILE C 46 2.69 8.44 5.23
N ILE C 47 1.91 9.52 5.31
CA ILE C 47 2.05 10.51 4.25
C ILE C 47 3.32 11.30 4.41
N GLN C 48 4.09 11.01 5.45
CA GLN C 48 5.34 11.71 5.66
C GLN C 48 6.43 10.98 4.89
N VAL C 49 6.08 9.82 4.32
CA VAL C 49 6.99 9.02 3.51
C VAL C 49 6.78 9.54 2.11
N ASP C 50 7.83 9.94 1.41
CA ASP C 50 7.59 10.45 0.08
C ASP C 50 7.60 9.40 -1.01
N THR C 51 6.81 9.68 -2.03
CA THR C 51 6.67 8.81 -3.18
C THR C 51 6.97 9.65 -4.42
N LEU C 52 7.09 9.01 -5.58
CA LEU C 52 7.40 9.70 -6.83
C LEU C 52 6.20 10.43 -7.44
N ILE C 53 6.47 11.59 -8.01
CA ILE C 53 5.42 12.39 -8.62
C ILE C 53 5.49 12.22 -10.14
N PRO C 54 4.35 11.91 -10.77
CA PRO C 54 4.38 11.75 -12.22
C PRO C 54 4.30 13.14 -12.84
N MET C 55 5.32 13.94 -12.57
CA MET C 55 5.38 15.32 -13.07
C MET C 55 5.25 15.42 -14.58
N ASN C 56 5.77 14.44 -15.29
CA ASN C 56 5.74 14.45 -16.74
C ASN C 56 4.49 13.80 -17.33
N ASN C 57 3.32 14.37 -17.04
CA ASN C 57 2.03 13.89 -17.54
C ASN C 57 1.98 13.70 -19.04
N THR C 58 2.57 14.66 -19.74
CA THR C 58 2.67 14.72 -21.20
C THR C 58 2.35 13.47 -22.05
N HIS C 59 2.56 12.27 -21.51
CA HIS C 59 2.31 11.06 -22.27
C HIS C 59 0.86 10.65 -22.48
N THR C 60 0.65 9.96 -23.60
CA THR C 60 -0.65 9.47 -24.01
C THR C 60 -1.18 8.35 -23.13
N LYS C 61 -0.28 7.67 -22.42
CA LYS C 61 -0.67 6.59 -21.53
C LYS C 61 0.27 6.57 -20.31
N ASP C 62 -0.17 5.95 -19.22
CA ASP C 62 0.66 5.88 -18.02
C ASP C 62 1.96 5.18 -18.36
N GLU C 63 3.10 5.82 -18.10
CA GLU C 63 4.39 5.21 -18.39
C GLU C 63 5.43 5.57 -17.36
N VAL C 64 6.45 4.73 -17.24
CA VAL C 64 7.52 5.00 -16.30
C VAL C 64 7.98 6.42 -16.61
N ASN C 65 7.99 6.73 -17.90
CA ASN C 65 8.42 8.03 -18.35
C ASN C 65 7.73 9.26 -17.77
N SER C 66 6.54 9.07 -17.20
CA SER C 66 5.81 10.21 -16.64
C SER C 66 6.43 10.64 -15.33
N TYR C 67 7.37 9.84 -14.83
CA TYR C 67 8.03 10.16 -13.58
C TYR C 67 9.37 10.81 -13.84
N LEU C 68 9.77 10.88 -15.10
CA LEU C 68 11.05 11.46 -15.43
C LEU C 68 10.96 12.89 -15.95
N ILE C 69 11.55 13.82 -15.21
CA ILE C 69 11.55 15.22 -15.61
C ILE C 69 12.80 15.44 -16.44
N PRO C 70 12.64 15.69 -17.74
CA PRO C 70 13.79 15.91 -18.63
C PRO C 70 14.55 17.19 -18.33
N LEU C 71 15.86 17.12 -18.53
CA LEU C 71 16.73 18.26 -18.30
C LEU C 71 17.62 18.35 -19.55
N ASN C 72 17.69 19.54 -20.13
CA ASN C 72 18.47 19.72 -21.35
C ASN C 72 19.76 20.49 -21.17
N ALA C 73 20.81 19.98 -21.79
CA ALA C 73 22.12 20.60 -21.71
C ALA C 73 22.17 21.96 -22.36
N ASN C 74 23.10 22.77 -21.88
CA ASN C 74 23.34 24.12 -22.37
C ASN C 74 22.13 25.01 -22.69
N ARG C 75 21.23 25.12 -21.73
CA ARG C 75 20.06 25.98 -21.84
C ARG C 75 20.26 26.93 -20.66
N GLN C 76 19.86 28.18 -20.84
CA GLN C 76 20.05 29.19 -19.82
C GLN C 76 18.67 29.80 -19.49
N ASN C 77 18.51 30.33 -18.28
CA ASN C 77 17.26 30.98 -17.89
C ASN C 77 16.00 30.12 -17.93
N GLU C 78 15.86 29.33 -19.00
CA GLU C 78 14.70 28.45 -19.21
C GLU C 78 14.07 27.75 -18.01
N GLN C 79 12.80 27.36 -18.19
CA GLN C 79 12.03 26.67 -17.16
C GLN C 79 12.06 25.16 -17.36
N VAL C 80 12.28 24.42 -16.27
CA VAL C 80 12.35 22.96 -16.31
C VAL C 80 10.97 22.30 -16.18
N PHE C 81 10.13 22.83 -15.30
CA PHE C 81 8.79 22.29 -15.12
C PHE C 81 7.96 23.23 -14.28
N GLY C 82 6.66 22.94 -14.18
CA GLY C 82 5.80 23.78 -13.39
C GLY C 82 4.49 23.08 -13.10
N THR C 83 3.78 23.52 -12.07
CA THR C 83 2.49 22.93 -11.71
C THR C 83 1.86 23.71 -10.59
N ASN C 84 0.53 23.73 -10.55
CA ASN C 84 -0.15 24.43 -9.47
C ASN C 84 -0.04 23.50 -8.27
N LEU C 85 -0.49 23.96 -7.12
CA LEU C 85 -0.40 23.11 -5.95
C LEU C 85 -1.73 22.65 -5.40
N PHE C 86 -2.53 22.03 -6.27
CA PHE C 86 -3.78 21.47 -5.84
C PHE C 86 -3.38 20.02 -5.61
N ILE C 87 -2.87 19.74 -4.42
CA ILE C 87 -2.40 18.42 -4.07
C ILE C 87 -3.42 17.32 -4.21
N GLY C 88 -4.68 17.68 -4.42
CA GLY C 88 -5.71 16.67 -4.57
C GLY C 88 -6.10 16.43 -6.01
N ASP C 89 -5.30 16.97 -6.93
CA ASP C 89 -5.57 16.82 -8.36
C ASP C 89 -4.25 16.86 -9.12
N GLY C 90 -4.33 17.02 -10.43
CA GLY C 90 -3.13 17.09 -11.25
C GLY C 90 -2.09 16.03 -11.02
N VAL C 91 -0.83 16.39 -11.13
CA VAL C 91 0.24 15.43 -10.94
C VAL C 91 0.13 14.67 -9.63
N PHE C 92 -0.22 15.39 -8.57
CA PHE C 92 -0.34 14.84 -7.24
C PHE C 92 -1.44 13.81 -6.99
N LYS C 93 -2.51 13.88 -7.75
CA LYS C 93 -3.65 12.97 -7.55
C LYS C 93 -3.37 11.48 -7.36
N THR C 94 -2.34 10.96 -7.99
CA THR C 94 -2.06 9.54 -7.86
C THR C 94 -0.97 9.18 -6.87
N THR C 95 -0.32 10.19 -6.31
CA THR C 95 0.75 9.95 -5.35
C THR C 95 0.16 9.49 -4.04
N LEU C 96 1.00 8.99 -3.14
CA LEU C 96 0.51 8.53 -1.86
C LEU C 96 -0.13 9.71 -1.14
N LEU C 97 0.53 10.85 -1.20
CA LEU C 97 0.02 12.04 -0.55
C LEU C 97 -1.36 12.36 -1.08
N GLY C 98 -1.43 12.60 -2.38
CA GLY C 98 -2.69 12.93 -2.99
C GLY C 98 -3.76 11.89 -2.73
N GLU C 99 -3.39 10.62 -2.86
CA GLU C 99 -4.32 9.54 -2.65
C GLU C 99 -4.95 9.64 -1.25
N ILE C 100 -4.11 9.75 -0.23
CA ILE C 100 -4.63 9.85 1.14
C ILE C 100 -5.35 11.17 1.39
N VAL C 101 -4.75 12.25 0.95
CA VAL C 101 -5.36 13.56 1.10
C VAL C 101 -6.81 13.54 0.63
N GLN C 102 -7.08 12.82 -0.45
CA GLN C 102 -8.41 12.75 -0.99
C GLN C 102 -9.41 11.97 -0.16
N TYR C 103 -8.98 11.47 0.99
CA TYR C 103 -9.89 10.75 1.84
C TYR C 103 -10.40 11.73 2.88
N TYR C 104 -9.96 12.97 2.75
CA TYR C 104 -10.39 14.01 3.67
C TYR C 104 -10.75 15.28 2.92
N THR C 105 -11.57 16.12 3.55
CA THR C 105 -12.02 17.35 2.93
C THR C 105 -11.11 18.54 3.11
N HIS C 106 -10.51 18.65 4.30
CA HIS C 106 -9.63 19.77 4.61
C HIS C 106 -8.18 19.35 4.84
N TRP C 107 -7.24 20.23 4.49
CA TRP C 107 -5.84 19.95 4.73
C TRP C 107 -5.17 21.25 5.15
N SER C 108 -4.03 21.12 5.82
CA SER C 108 -3.28 22.29 6.25
C SER C 108 -1.92 21.77 6.62
N GLY C 109 -0.91 22.61 6.53
CA GLY C 109 0.43 22.18 6.87
C GLY C 109 1.45 22.49 5.80
N SER C 110 2.66 21.96 5.96
CA SER C 110 3.71 22.21 5.01
C SER C 110 4.04 20.96 4.21
N LEU C 111 4.37 21.13 2.94
CA LEU C 111 4.67 20.01 2.06
C LEU C 111 6.17 19.86 1.81
N ARG C 112 6.62 18.63 1.60
CA ARG C 112 8.03 18.40 1.32
C ARG C 112 8.19 17.94 -0.11
N PHE C 113 8.83 18.78 -0.91
CA PHE C 113 9.05 18.51 -2.31
C PHE C 113 10.53 18.33 -2.55
N SER C 114 10.90 17.14 -3.02
CA SER C 114 12.30 16.83 -3.28
C SER C 114 12.58 16.54 -4.76
N LEU C 115 13.84 16.71 -5.15
CA LEU C 115 14.29 16.48 -6.52
C LEU C 115 15.62 15.74 -6.49
N MET C 116 15.65 14.55 -7.07
CA MET C 116 16.90 13.77 -7.09
C MET C 116 17.46 13.75 -8.50
N TYR C 117 18.71 14.17 -8.66
CA TYR C 117 19.34 14.20 -9.97
C TYR C 117 19.89 12.83 -10.33
N THR C 118 19.72 12.42 -11.57
CA THR C 118 20.21 11.10 -12.02
C THR C 118 21.20 11.17 -13.18
N GLY C 119 21.61 12.38 -13.55
CA GLY C 119 22.55 12.52 -14.65
C GLY C 119 23.91 12.00 -14.23
N PRO C 120 24.81 11.71 -15.18
CA PRO C 120 26.15 11.20 -14.85
C PRO C 120 26.87 11.99 -13.76
N ALA C 121 27.69 11.27 -13.01
CA ALA C 121 28.47 11.86 -11.93
C ALA C 121 29.31 13.03 -12.39
N LEU C 122 29.96 12.86 -13.54
CA LEU C 122 30.83 13.90 -14.08
C LEU C 122 30.12 15.08 -14.73
N SER C 123 28.80 15.15 -14.60
CA SER C 123 28.07 16.27 -15.15
C SER C 123 27.86 17.27 -14.02
N SER C 124 27.35 18.45 -14.32
CA SER C 124 27.11 19.44 -13.27
C SER C 124 25.90 20.28 -13.64
N ALA C 125 25.38 21.02 -12.67
CA ALA C 125 24.22 21.85 -12.93
C ALA C 125 23.75 22.53 -11.66
N LYS C 126 23.04 23.65 -11.83
CA LYS C 126 22.49 24.41 -10.73
C LYS C 126 21.10 24.84 -11.15
N LEU C 127 20.09 24.29 -10.49
CA LEU C 127 18.71 24.62 -10.79
C LEU C 127 18.16 25.46 -9.64
N ILE C 128 16.94 25.96 -9.79
CA ILE C 128 16.33 26.75 -8.75
C ILE C 128 14.85 26.41 -8.63
N LEU C 129 14.44 25.94 -7.45
CA LEU C 129 13.05 25.57 -7.21
C LEU C 129 12.38 26.76 -6.56
N ALA C 130 11.19 27.09 -7.01
CA ALA C 130 10.48 28.21 -6.45
C ALA C 130 9.04 27.88 -6.13
N TYR C 131 8.58 28.41 -5.01
CA TYR C 131 7.20 28.22 -4.57
C TYR C 131 6.54 29.57 -4.59
N THR C 132 5.53 29.74 -5.41
CA THR C 132 4.86 31.01 -5.50
C THR C 132 3.55 30.93 -4.73
N PRO C 133 3.46 31.61 -3.59
CA PRO C 133 2.24 31.60 -2.76
C PRO C 133 1.08 32.26 -3.50
N PRO C 134 -0.16 31.85 -3.19
CA PRO C 134 -1.36 32.39 -3.83
C PRO C 134 -1.44 33.91 -3.88
N GLY C 135 -2.15 34.44 -4.87
CA GLY C 135 -2.27 35.88 -4.97
C GLY C 135 -1.84 36.41 -6.33
N ALA C 136 -0.84 35.77 -6.91
CA ALA C 136 -0.34 36.16 -8.22
C ALA C 136 -0.39 34.93 -9.12
N ARG C 137 0.14 35.06 -10.33
CA ARG C 137 0.16 33.97 -11.30
C ARG C 137 1.37 33.06 -11.17
N GLY C 138 1.38 31.96 -11.90
CA GLY C 138 2.52 31.08 -11.86
C GLY C 138 3.62 31.86 -12.55
N PRO C 139 4.84 31.92 -11.99
CA PRO C 139 5.92 32.67 -12.63
C PRO C 139 6.21 32.28 -14.07
N GLN C 140 6.46 33.29 -14.91
CA GLN C 140 6.74 33.07 -16.34
C GLN C 140 8.20 33.14 -16.75
N ASP C 141 9.08 33.49 -15.82
CA ASP C 141 10.52 33.53 -16.09
C ASP C 141 11.21 33.42 -14.74
N ARG C 142 12.49 33.05 -14.75
CA ARG C 142 13.21 32.89 -13.49
C ARG C 142 13.13 34.12 -12.59
N ARG C 143 13.40 35.30 -13.13
CA ARG C 143 13.35 36.51 -12.33
C ARG C 143 12.08 36.57 -11.47
N GLU C 144 10.94 36.33 -12.09
CA GLU C 144 9.67 36.37 -11.39
C GLU C 144 9.56 35.30 -10.31
N ALA C 145 9.94 34.07 -10.63
CA ALA C 145 9.85 32.98 -9.66
C ALA C 145 10.78 33.23 -8.48
N MET C 146 12.00 33.65 -8.79
CA MET C 146 13.03 33.93 -7.80
C MET C 146 12.61 34.91 -6.71
N LEU C 147 11.63 35.77 -6.99
CA LEU C 147 11.13 36.75 -6.02
C LEU C 147 10.32 36.15 -4.88
N GLY C 148 10.15 34.83 -4.88
CA GLY C 148 9.39 34.21 -3.82
C GLY C 148 10.17 33.11 -3.14
N THR C 149 9.50 32.35 -2.29
CA THR C 149 10.16 31.26 -1.59
C THR C 149 10.85 30.37 -2.60
N HIS C 150 12.17 30.24 -2.51
CA HIS C 150 12.89 29.39 -3.41
C HIS C 150 14.15 28.80 -2.82
N VAL C 151 14.78 27.93 -3.59
CA VAL C 151 15.98 27.24 -3.16
C VAL C 151 16.91 27.09 -4.36
N VAL C 152 18.17 27.46 -4.20
CA VAL C 152 19.12 27.31 -5.30
C VAL C 152 19.80 25.99 -5.03
N TRP C 153 19.55 25.02 -5.88
CA TRP C 153 20.11 23.69 -5.72
C TRP C 153 21.38 23.45 -6.50
N ASP C 154 22.46 23.11 -5.81
CA ASP C 154 23.71 22.83 -6.49
C ASP C 154 23.83 21.32 -6.58
N ILE C 155 23.87 20.81 -7.80
CA ILE C 155 23.96 19.38 -7.99
C ILE C 155 25.35 18.88 -7.70
N GLY C 156 25.42 17.75 -7.00
CA GLY C 156 26.71 17.19 -6.65
C GLY C 156 26.56 15.94 -5.82
N LEU C 157 27.60 15.65 -5.05
CA LEU C 157 27.64 14.47 -4.20
C LEU C 157 26.35 14.05 -3.53
N GLN C 158 25.69 14.99 -2.88
CA GLN C 158 24.42 14.73 -2.23
C GLN C 158 23.40 14.86 -3.36
N SER C 159 22.88 13.72 -3.80
CA SER C 159 21.97 13.67 -4.92
C SER C 159 20.66 14.43 -4.85
N THR C 160 20.03 14.44 -3.69
CA THR C 160 18.73 15.09 -3.54
C THR C 160 18.66 16.44 -2.86
N ILE C 161 17.75 17.29 -3.34
CA ILE C 161 17.55 18.60 -2.74
C ILE C 161 16.13 18.56 -2.19
N VAL C 162 15.94 18.97 -0.95
CA VAL C 162 14.61 18.96 -0.36
C VAL C 162 14.12 20.36 -0.11
N MET C 163 13.16 20.78 -0.91
CA MET C 163 12.61 22.10 -0.73
C MET C 163 11.28 21.96 -0.06
N THR C 164 11.08 22.79 0.94
CA THR C 164 9.86 22.79 1.69
C THR C 164 8.88 23.79 1.13
N ILE C 165 7.60 23.48 1.20
CA ILE C 165 6.57 24.41 0.74
C ILE C 165 5.86 24.83 2.01
N PRO C 166 6.46 25.75 2.76
CA PRO C 166 5.92 26.24 4.02
C PRO C 166 4.48 26.70 3.95
N TRP C 167 3.66 26.14 4.82
CA TRP C 167 2.26 26.49 4.88
C TRP C 167 2.13 28.00 4.90
N THR C 168 1.75 28.57 3.75
CA THR C 168 1.58 30.01 3.60
C THR C 168 0.14 30.32 3.24
N SER C 169 -0.68 30.62 4.24
CA SER C 169 -2.08 30.89 3.99
C SER C 169 -2.73 31.77 5.04
N GLY C 170 -3.83 32.40 4.67
CA GLY C 170 -4.52 33.24 5.62
C GLY C 170 -5.43 32.35 6.43
N VAL C 171 -6.42 31.78 5.75
CA VAL C 171 -7.35 30.86 6.38
C VAL C 171 -6.50 29.68 6.77
N GLN C 172 -6.79 29.09 7.92
CA GLN C 172 -5.99 27.98 8.44
C GLN C 172 -6.21 26.59 7.85
N PHE C 173 -7.06 26.48 6.83
CA PHE C 173 -7.32 25.18 6.20
C PHE C 173 -7.75 25.36 4.76
N ARG C 174 -7.34 24.43 3.91
CA ARG C 174 -7.68 24.46 2.50
C ARG C 174 -8.46 23.20 2.15
N TYR C 175 -9.18 23.23 1.04
CA TYR C 175 -9.94 22.05 0.62
C TYR C 175 -9.06 21.17 -0.23
N THR C 176 -9.21 19.85 -0.10
CA THR C 176 -8.43 18.92 -0.89
C THR C 176 -8.95 19.01 -2.34
N ASP C 177 -10.26 19.20 -2.47
CA ASP C 177 -10.89 19.35 -3.78
C ASP C 177 -10.45 20.70 -4.32
N PRO C 178 -10.02 20.76 -5.59
CA PRO C 178 -9.60 22.05 -6.14
C PRO C 178 -10.68 23.11 -5.99
N ASP C 179 -10.37 24.12 -5.19
CA ASP C 179 -11.26 25.27 -4.95
C ASP C 179 -10.39 26.52 -5.02
N THR C 180 -10.86 27.51 -5.75
CA THR C 180 -10.08 28.72 -5.97
C THR C 180 -9.68 29.57 -4.76
N TYR C 181 -10.62 29.93 -3.89
CA TYR C 181 -10.30 30.74 -2.71
C TYR C 181 -9.30 29.99 -1.83
N THR C 182 -9.23 28.69 -2.05
CA THR C 182 -8.38 27.79 -1.29
C THR C 182 -7.14 27.30 -2.05
N SER C 183 -6.71 28.06 -3.07
CA SER C 183 -5.54 27.67 -3.85
C SER C 183 -4.27 27.70 -3.01
N ALA C 184 -3.34 26.79 -3.31
CA ALA C 184 -2.09 26.72 -2.57
C ALA C 184 -0.92 27.45 -3.22
N GLY C 185 -1.08 27.83 -4.49
CA GLY C 185 0.00 28.53 -5.17
C GLY C 185 0.57 27.76 -6.34
N PHE C 186 1.86 28.01 -6.63
CA PHE C 186 2.52 27.37 -7.76
C PHE C 186 3.95 26.93 -7.45
N LEU C 187 4.37 25.88 -8.12
CA LEU C 187 5.71 25.34 -7.96
C LEU C 187 6.36 25.36 -9.34
N SER C 188 7.57 25.87 -9.44
CA SER C 188 8.26 25.92 -10.72
C SER C 188 9.74 25.69 -10.50
N CYS C 189 10.44 25.27 -11.55
CA CYS C 189 11.87 25.04 -11.46
C CYS C 189 12.56 25.63 -12.68
N TRP C 190 13.72 26.23 -12.50
CA TRP C 190 14.43 26.86 -13.61
C TRP C 190 15.91 26.55 -13.62
N TYR C 191 16.61 26.95 -14.68
CA TYR C 191 18.05 26.71 -14.74
C TYR C 191 18.71 27.89 -14.05
N GLN C 192 19.52 27.64 -13.03
CA GLN C 192 20.19 28.74 -12.34
C GLN C 192 21.40 29.11 -13.18
N THR C 193 22.09 28.08 -13.67
CA THR C 193 23.24 28.27 -14.55
C THR C 193 22.87 27.47 -15.81
N SER C 194 23.12 26.16 -15.77
CA SER C 194 22.77 25.29 -16.88
C SER C 194 23.42 23.92 -16.73
N LEU C 195 22.81 22.92 -17.32
CA LEU C 195 23.32 21.56 -17.25
C LEU C 195 24.52 21.41 -18.15
N ILE C 196 25.61 20.88 -17.62
CA ILE C 196 26.82 20.67 -18.41
C ILE C 196 27.16 19.19 -18.43
N LEU C 197 27.40 18.64 -19.60
CA LEU C 197 27.74 17.23 -19.70
C LEU C 197 29.22 17.06 -19.94
N PRO C 198 29.76 15.89 -19.62
CA PRO C 198 31.19 15.68 -19.85
C PRO C 198 31.40 15.18 -21.27
N PRO C 199 32.67 15.04 -21.66
CA PRO C 199 32.94 14.57 -23.01
C PRO C 199 32.40 13.15 -23.21
N GLU C 200 32.21 12.76 -24.46
CA GLU C 200 31.72 11.42 -24.79
C GLU C 200 30.39 11.10 -24.11
N THR C 201 29.74 12.12 -23.58
CA THR C 201 28.45 11.92 -22.94
C THR C 201 27.40 12.64 -23.74
N THR C 202 26.35 11.93 -24.12
CA THR C 202 25.32 12.53 -24.92
C THR C 202 23.89 12.26 -24.48
N GLY C 203 22.99 13.14 -24.87
CA GLY C 203 21.59 12.95 -24.57
C GLY C 203 20.88 13.66 -23.39
N GLN C 204 20.00 12.87 -22.75
CA GLN C 204 19.17 13.35 -21.66
C GLN C 204 19.38 12.75 -20.31
N VAL C 205 19.42 13.64 -19.32
CA VAL C 205 19.55 13.30 -17.93
C VAL C 205 18.16 13.60 -17.39
N TYR C 206 17.72 12.86 -16.38
CA TYR C 206 16.39 13.09 -15.83
C TYR C 206 16.43 13.42 -14.34
N LEU C 207 15.36 14.03 -13.88
CA LEU C 207 15.22 14.37 -12.47
C LEU C 207 14.02 13.60 -11.96
N LEU C 208 14.09 13.13 -10.72
CA LEU C 208 12.97 12.44 -10.11
C LEU C 208 12.45 13.36 -9.03
N SER C 209 11.14 13.59 -8.98
CA SER C 209 10.59 14.47 -7.97
C SER C 209 9.75 13.66 -6.99
N PHE C 210 9.80 14.04 -5.73
CA PHE C 210 9.05 13.35 -4.70
C PHE C 210 8.18 14.33 -3.93
N ILE C 211 7.13 13.83 -3.31
CA ILE C 211 6.25 14.67 -2.52
C ILE C 211 5.87 13.92 -1.25
N SER C 212 5.87 14.63 -0.13
CA SER C 212 5.53 14.06 1.18
C SER C 212 5.14 15.20 2.12
N ALA C 213 4.46 14.88 3.21
CA ALA C 213 4.02 15.90 4.17
C ALA C 213 4.98 16.06 5.35
N CYS C 214 5.00 17.26 5.93
CA CYS C 214 5.85 17.53 7.08
C CYS C 214 5.03 17.20 8.31
N PRO C 215 5.68 17.07 9.48
CA PRO C 215 4.92 16.77 10.70
C PRO C 215 3.92 17.88 11.01
N ASP C 216 4.04 18.93 10.20
CA ASP C 216 3.21 20.14 10.21
C ASP C 216 1.76 19.76 9.92
N PHE C 217 1.62 18.92 8.90
CA PHE C 217 0.36 18.43 8.35
C PHE C 217 -0.80 18.05 9.23
N LYS C 218 -1.97 18.43 8.75
CA LYS C 218 -3.24 18.17 9.41
C LYS C 218 -4.22 17.81 8.29
N LEU C 219 -5.15 16.92 8.57
CA LEU C 219 -6.14 16.48 7.59
C LEU C 219 -7.41 16.29 8.37
N ARG C 220 -8.56 16.64 7.80
CA ARG C 220 -9.80 16.47 8.54
C ARG C 220 -11.06 16.41 7.68
N LEU C 221 -12.11 15.86 8.27
CA LEU C 221 -13.42 15.68 7.64
C LEU C 221 -13.29 14.61 6.58
N MET C 222 -13.34 13.37 7.02
CA MET C 222 -13.21 12.20 6.17
C MET C 222 -14.30 12.15 5.13
N LYS C 223 -13.95 11.67 3.94
CA LYS C 223 -14.92 11.56 2.85
C LYS C 223 -14.49 10.54 1.82
N ASP C 224 -15.41 10.14 0.95
CA ASP C 224 -15.10 9.18 -0.09
C ASP C 224 -14.24 9.79 -1.16
N THR C 225 -13.44 8.96 -1.80
CA THR C 225 -12.53 9.45 -2.81
C THR C 225 -13.01 9.27 -4.23
N GLN C 226 -12.55 10.15 -5.11
CA GLN C 226 -12.90 10.09 -6.53
C GLN C 226 -11.92 9.19 -7.25
N THR C 227 -11.11 8.46 -6.50
CA THR C 227 -10.12 7.61 -7.13
C THR C 227 -10.46 6.15 -7.25
N ILE C 228 -11.73 5.82 -7.06
CA ILE C 228 -12.13 4.43 -7.19
C ILE C 228 -13.63 4.37 -7.44
N SER C 229 -14.04 3.39 -8.24
CA SER C 229 -15.46 3.22 -8.56
C SER C 229 -15.71 1.87 -9.22
N GLN C 230 -17.00 1.56 -9.37
CA GLN C 230 -17.42 0.31 -9.99
C GLN C 230 -18.84 0.49 -10.52
N THR C 231 -19.20 -0.29 -11.52
CA THR C 231 -20.53 -0.19 -12.12
C THR C 231 -21.43 -1.29 -11.59
N VAL C 232 -20.86 -2.45 -11.31
CA VAL C 232 -21.62 -3.57 -10.76
C VAL C 232 -20.82 -4.25 -9.68
N ALA C 233 -21.52 -4.92 -8.76
CA ALA C 233 -20.84 -5.62 -7.69
C ALA C 233 -19.89 -6.66 -8.28
N LEU C 234 -18.70 -6.77 -7.70
CA LEU C 234 -17.72 -7.74 -8.18
C LEU C 234 -18.18 -9.14 -7.80
N THR C 235 -17.75 -10.13 -8.57
CA THR C 235 -18.11 -11.50 -8.28
C THR C 235 -16.86 -12.37 -8.26
N GLU C 236 -16.97 -13.51 -7.56
CA GLU C 236 -15.85 -14.43 -7.44
C GLU C 236 -15.58 -15.18 -8.75
N ILE D 29 -19.48 3.02 30.81
CA ILE D 29 -20.17 1.75 31.27
C ILE D 29 -20.48 0.75 30.13
N ASN D 30 -20.00 -0.49 30.28
CA ASN D 30 -20.21 -1.55 29.28
C ASN D 30 -21.37 -2.48 29.63
N TYR D 31 -22.40 -2.47 28.78
CA TYR D 31 -23.59 -3.29 29.00
C TYR D 31 -23.42 -4.79 28.69
N TYR D 32 -22.49 -5.11 27.79
CA TYR D 32 -22.28 -6.49 27.41
C TYR D 32 -21.03 -7.15 27.98
N LYS D 33 -21.07 -8.48 28.01
CA LYS D 33 -20.01 -9.30 28.56
C LYS D 33 -18.71 -9.38 27.71
N ASP D 34 -18.84 -9.48 26.39
CA ASP D 34 -17.66 -9.61 25.52
C ASP D 34 -16.96 -8.32 25.13
N ALA D 35 -15.67 -8.42 24.85
CA ALA D 35 -14.89 -7.24 24.48
C ALA D 35 -15.32 -6.69 23.14
N ALA D 36 -15.62 -7.60 22.23
CA ALA D 36 -16.03 -7.22 20.89
C ALA D 36 -17.19 -6.23 20.84
N SER D 37 -18.11 -6.34 21.80
CA SER D 37 -19.26 -5.45 21.78
C SER D 37 -19.04 -4.02 22.27
N THR D 38 -17.84 -3.70 22.71
CA THR D 38 -17.58 -2.35 23.19
C THR D 38 -17.37 -1.43 22.00
N SER D 39 -17.50 -0.13 22.22
CA SER D 39 -17.35 0.85 21.14
C SER D 39 -15.89 1.15 20.80
N SER D 40 -15.70 2.07 19.85
CA SER D 40 -14.37 2.45 19.38
C SER D 40 -13.34 2.75 20.45
N ALA D 41 -12.12 2.26 20.18
CA ALA D 41 -10.97 2.35 21.07
C ALA D 41 -10.46 3.73 21.49
N GLY D 42 -10.67 4.73 20.66
CA GLY D 42 -10.16 6.05 21.03
C GLY D 42 -8.69 6.14 20.63
N GLN D 43 -8.31 7.30 20.08
CA GLN D 43 -6.96 7.56 19.57
C GLN D 43 -5.74 6.87 20.21
N SER D 44 -5.05 6.08 19.39
CA SER D 44 -3.83 5.34 19.77
C SER D 44 -2.81 6.27 20.43
N LEU D 45 -2.69 7.49 19.89
CA LEU D 45 -1.78 8.47 20.45
C LEU D 45 -0.31 7.98 20.65
N SER D 46 0.21 7.27 19.65
CA SER D 46 1.61 6.81 19.68
C SER D 46 2.28 7.70 18.65
N MET D 47 2.00 7.42 17.37
CA MET D 47 2.51 8.22 16.25
C MET D 47 4.02 8.31 16.08
N ASP D 48 4.60 7.28 15.48
CA ASP D 48 6.03 7.24 15.21
C ASP D 48 6.26 6.93 13.74
N PRO D 49 6.41 7.97 12.90
CA PRO D 49 6.62 7.78 11.47
C PRO D 49 8.00 7.24 11.08
N SER D 50 8.96 7.32 11.99
CA SER D 50 10.31 6.90 11.69
C SER D 50 10.47 5.46 11.19
N LYS D 51 9.59 4.56 11.59
CA LYS D 51 9.76 3.20 11.11
C LYS D 51 9.47 3.07 9.61
N PHE D 52 8.97 4.15 9.01
CA PHE D 52 8.68 4.16 7.58
C PHE D 52 9.52 5.23 6.90
N THR D 53 9.76 6.33 7.60
CA THR D 53 10.54 7.40 7.02
C THR D 53 12.03 7.20 7.16
N GLU D 54 12.48 6.61 8.25
CA GLU D 54 13.92 6.41 8.43
C GLU D 54 14.32 5.00 8.79
N PRO D 55 13.93 4.03 7.95
CA PRO D 55 14.29 2.63 8.22
C PRO D 55 15.70 2.32 7.79
N VAL D 56 16.63 3.22 8.10
CA VAL D 56 18.02 3.01 7.74
C VAL D 56 18.78 2.34 8.85
N LYS D 57 19.91 1.73 8.50
CA LYS D 57 20.72 1.04 9.49
C LYS D 57 21.56 1.99 10.31
N ASP D 58 22.28 2.88 9.63
CA ASP D 58 23.11 3.84 10.33
C ASP D 58 22.38 5.16 10.41
N LEU D 59 22.02 5.53 11.63
CA LEU D 59 21.31 6.77 11.92
C LEU D 59 21.82 7.95 11.09
N MET D 60 20.90 8.71 10.49
CA MET D 60 21.30 9.87 9.71
C MET D 60 20.80 11.15 10.38
N LEU D 61 21.74 12.02 10.76
CA LEU D 61 21.38 13.27 11.42
C LEU D 61 21.01 14.36 10.43
N LYS D 62 19.92 15.05 10.70
CA LYS D 62 19.48 16.14 9.84
C LYS D 62 20.59 17.20 9.82
N GLY D 63 21.02 17.60 8.62
CA GLY D 63 22.06 18.61 8.52
C GLY D 63 23.44 18.04 8.26
N ALA D 64 23.61 16.78 8.64
CA ALA D 64 24.88 16.11 8.42
C ALA D 64 24.77 15.45 7.06
N PRO D 65 25.88 15.46 6.28
CA PRO D 65 25.86 14.84 4.95
C PRO D 65 25.26 13.42 4.99
N ALA D 66 24.22 13.20 4.17
CA ALA D 66 23.55 11.90 4.09
C ALA D 66 24.54 10.80 3.72
N LEU D 67 25.48 11.13 2.85
CA LEU D 67 26.52 10.19 2.44
C LEU D 67 27.84 10.84 2.85
N ASN D 68 28.48 10.28 3.86
CA ASN D 68 29.74 10.81 4.38
C ASN D 68 31.00 10.15 3.82
O1 W11 E . -14.46 -11.48 6.53
N2 W11 E . -13.39 -11.20 5.52
C3 W11 E . -12.58 -10.30 6.08
CM3 W11 E . -11.41 -9.85 5.24
C4 W11 E . -13.02 -9.95 7.38
C5 W11 E . -14.17 -10.68 7.65
C1C W11 E . -15.09 -10.77 8.83
C2C W11 E . -16.22 -11.69 8.47
C3C W11 E . -17.10 -11.79 9.62
O1B W11 E . -17.92 -12.82 9.20
C1B W11 E . -19.06 -13.09 10.00
C2B W11 E . -20.32 -12.38 9.65
CM2 W11 E . -20.33 -11.44 8.54
C3B W11 E . -21.52 -12.53 10.33
C4B W11 E . -21.53 -13.43 11.45
C5B W11 E . -20.37 -14.19 11.91
C6B W11 E . -19.11 -14.01 11.16
CM6 W11 E . -17.94 -14.84 11.71
C2A W11 E . -22.81 -13.54 12.10
N1A W11 E . -23.06 -13.98 13.41
N3A W11 E . -23.99 -13.17 11.40
C3A W11 E . -24.98 -13.41 12.36
CM4 W11 E . -26.41 -13.13 12.09
O1A W11 E . -24.62 -13.89 13.60
F1 W11 E . -26.29 -12.71 10.77
F2 W11 E . -27.01 -12.09 12.75
F3 W11 E . -27.02 -14.27 12.26
#